data_4ZQI
#
_entry.id   4ZQI
#
_cell.length_a   62.993
_cell.length_b   107.027
_cell.length_c   211.003
_cell.angle_alpha   90.00
_cell.angle_beta   90.00
_cell.angle_gamma   90.00
#
_symmetry.space_group_name_H-M   'P 21 21 21'
#
loop_
_entity.id
_entity.type
_entity.pdbx_description
1 polymer 'D-alanine--D-alanine ligase'
2 non-polymer 'SODIUM ION'
3 water water
#
_entity_poly.entity_id   1
_entity_poly.type   'polypeptide(L)'
_entity_poly.pdbx_seq_one_letter_code
;MAEKVAVLLGGTSAEREVSLLSGQAVLAGLKEAGIDAYGVDTKDFPVTQLKEQGFDKVFIALHGRGGEDGTLQGVLEFLQ
LPYTGSGVMASALTMDKLRTKLVWQALGLPISPYVALNRQQFETLSPEELVACVAKLGLPLIVKPSHEGSSVGMSKVDHA
SELQKALVEAFQHDSDVLIEKWLSGPEFTVAILGDEVLPSIRIQPPGVFYDYDAKYLSDKTQYFCPSGLSDESEQQLAAL
ALQAYHALDCSGWGRVDVMQDRDGHFYLLEVNTSPGMTSHSLVPMAARQYGLSFSQLVARILMLAD
;
_entity_poly.pdbx_strand_id   A,B,C,D
#
loop_
_chem_comp.id
_chem_comp.type
_chem_comp.name
_chem_comp.formula
NA non-polymer 'SODIUM ION' 'Na 1'
#
# COMPACT_ATOMS: atom_id res chain seq x y z
N MET A 1 -38.56 -42.88 5.03
CA MET A 1 -38.29 -41.40 5.11
C MET A 1 -37.88 -40.89 6.50
N ALA A 2 -38.46 -41.36 7.61
CA ALA A 2 -37.97 -40.90 8.93
C ALA A 2 -36.55 -41.43 9.13
N GLU A 3 -35.74 -40.64 9.83
CA GLU A 3 -34.31 -40.87 10.01
C GLU A 3 -33.95 -41.67 11.26
N LYS A 4 -33.01 -42.61 11.13
CA LYS A 4 -32.47 -43.33 12.30
C LYS A 4 -31.22 -42.61 12.73
N VAL A 5 -31.19 -42.20 13.98
CA VAL A 5 -30.13 -41.36 14.47
C VAL A 5 -29.31 -42.16 15.51
N ALA A 6 -28.01 -42.23 15.28
CA ALA A 6 -27.08 -42.79 16.24
C ALA A 6 -26.48 -41.70 17.16
N VAL A 7 -26.59 -41.92 18.45
CA VAL A 7 -25.93 -41.11 19.46
C VAL A 7 -24.68 -41.81 19.92
N LEU A 8 -23.55 -41.30 19.45
CA LEU A 8 -22.27 -41.88 19.74
C LEU A 8 -21.85 -41.40 21.11
N LEU A 9 -21.53 -42.36 21.97
CA LEU A 9 -21.25 -42.06 23.36
C LEU A 9 -20.20 -43.00 23.95
N GLY A 10 -19.71 -42.60 25.10
CA GLY A 10 -18.64 -43.30 25.76
C GLY A 10 -17.27 -43.31 25.14
N GLY A 11 -17.03 -44.25 24.21
CA GLY A 11 -15.73 -44.40 23.61
C GLY A 11 -14.60 -44.81 24.52
N THR A 12 -13.37 -44.57 24.04
CA THR A 12 -12.18 -45.03 24.74
C THR A 12 -11.28 -43.96 25.26
N SER A 13 -11.73 -42.73 25.33
CA SER A 13 -10.82 -41.69 25.75
C SER A 13 -10.88 -41.52 27.27
N ALA A 14 -10.01 -40.70 27.79
CA ALA A 14 -9.99 -40.37 29.20
C ALA A 14 -11.31 -39.83 29.68
N GLU A 15 -12.08 -39.19 28.80
CA GLU A 15 -13.36 -38.59 29.19
C GLU A 15 -14.55 -39.55 29.04
N ARG A 16 -14.29 -40.83 28.91
CA ARG A 16 -15.36 -41.80 28.70
C ARG A 16 -16.54 -41.69 29.66
N GLU A 17 -16.27 -41.48 30.92
CA GLU A 17 -17.35 -41.54 31.92
C GLU A 17 -18.27 -40.35 31.73
N VAL A 18 -17.68 -39.18 31.41
CA VAL A 18 -18.52 -37.98 31.14
C VAL A 18 -19.33 -38.15 29.86
N SER A 19 -18.74 -38.79 28.86
CA SER A 19 -19.40 -38.98 27.60
C SER A 19 -20.56 -39.94 27.70
N LEU A 20 -20.43 -40.98 28.54
CA LEU A 20 -21.62 -41.85 28.84
C LEU A 20 -22.78 -41.05 29.38
N LEU A 21 -22.50 -40.11 30.27
CA LEU A 21 -23.56 -39.27 30.79
C LEU A 21 -24.12 -38.27 29.77
N SER A 22 -23.25 -37.68 28.93
CA SER A 22 -23.74 -36.77 27.87
C SER A 22 -24.65 -37.54 26.94
N GLY A 23 -24.20 -38.72 26.56
CA GLY A 23 -24.90 -39.55 25.61
C GLY A 23 -26.24 -39.99 26.12
N GLN A 24 -26.26 -40.36 27.41
CA GLN A 24 -27.51 -40.80 28.00
C GLN A 24 -28.50 -39.65 27.98
N ALA A 25 -28.02 -38.43 28.25
CA ALA A 25 -28.94 -37.34 28.40
C ALA A 25 -29.43 -36.97 27.02
N VAL A 26 -28.52 -36.88 26.06
CA VAL A 26 -28.88 -36.56 24.67
C VAL A 26 -29.91 -37.57 24.16
N LEU A 27 -29.65 -38.85 24.39
CA LEU A 27 -30.58 -39.90 23.98
C LEU A 27 -31.98 -39.66 24.50
N ALA A 28 -32.10 -39.35 25.80
CA ALA A 28 -33.42 -39.16 26.41
C ALA A 28 -34.06 -37.83 25.89
N GLY A 29 -33.24 -36.81 25.64
CA GLY A 29 -33.70 -35.56 25.03
C GLY A 29 -34.23 -35.79 23.62
N LEU A 30 -33.48 -36.49 22.78
CA LEU A 30 -33.96 -36.76 21.43
C LEU A 30 -35.26 -37.62 21.38
N LYS A 31 -35.35 -38.55 22.30
CA LYS A 31 -36.58 -39.39 22.38
C LYS A 31 -37.79 -38.59 22.77
N GLU A 32 -37.61 -37.72 23.74
CA GLU A 32 -38.63 -36.78 24.15
C GLU A 32 -39.17 -35.94 22.98
N ALA A 33 -38.32 -35.65 22.01
CA ALA A 33 -38.69 -34.88 20.83
C ALA A 33 -39.18 -35.73 19.67
N GLY A 34 -39.26 -37.05 19.89
CA GLY A 34 -39.84 -37.91 18.91
C GLY A 34 -38.88 -38.39 17.85
N ILE A 35 -37.59 -38.21 18.10
CA ILE A 35 -36.54 -38.58 17.15
C ILE A 35 -36.19 -40.02 17.37
N ASP A 36 -36.05 -40.76 16.28
CA ASP A 36 -35.76 -42.17 16.35
C ASP A 36 -34.27 -42.39 16.60
N ALA A 37 -33.86 -42.23 17.86
CA ALA A 37 -32.49 -42.26 18.21
C ALA A 37 -32.08 -43.56 18.96
N TYR A 38 -30.86 -44.01 18.73
CA TYR A 38 -30.31 -45.14 19.41
C TYR A 38 -28.93 -44.80 19.99
N GLY A 39 -28.71 -45.29 21.21
CA GLY A 39 -27.44 -45.20 21.88
C GLY A 39 -26.45 -46.18 21.28
N VAL A 40 -25.24 -45.67 20.96
CA VAL A 40 -24.18 -46.50 20.41
C VAL A 40 -22.89 -46.18 21.15
N ASP A 41 -22.50 -47.11 22.02
CA ASP A 41 -21.25 -47.02 22.80
C ASP A 41 -20.13 -47.45 21.87
N THR A 42 -19.28 -46.50 21.48
CA THR A 42 -18.29 -46.76 20.43
C THR A 42 -17.09 -47.52 20.93
N LYS A 43 -16.92 -47.64 22.24
CA LYS A 43 -16.00 -48.69 22.75
C LYS A 43 -16.29 -50.11 22.20
N ASP A 44 -17.55 -50.46 22.01
CA ASP A 44 -17.93 -51.86 21.63
C ASP A 44 -18.45 -51.99 20.23
N PHE A 45 -18.84 -50.88 19.63
CA PHE A 45 -19.29 -50.88 18.28
C PHE A 45 -18.37 -49.95 17.47
N PRO A 46 -17.81 -50.45 16.36
CA PRO A 46 -16.96 -49.65 15.51
C PRO A 46 -17.74 -48.67 14.64
N VAL A 47 -17.38 -47.40 14.74
CA VAL A 47 -18.04 -46.33 14.00
C VAL A 47 -17.97 -46.51 12.47
N THR A 48 -17.02 -47.29 11.98
CA THR A 48 -16.98 -47.65 10.55
C THR A 48 -18.17 -48.48 10.04
N GLN A 49 -19.00 -49.01 10.93
CA GLN A 49 -20.16 -49.79 10.51
C GLN A 49 -21.51 -49.09 10.70
N LEU A 50 -21.49 -47.80 11.03
CA LEU A 50 -22.72 -47.11 11.31
C LEU A 50 -23.65 -47.16 10.15
N LYS A 51 -23.13 -47.00 8.95
CA LYS A 51 -23.98 -47.00 7.78
C LYS A 51 -24.55 -48.40 7.50
N GLU A 52 -23.72 -49.43 7.60
CA GLU A 52 -24.18 -50.78 7.42
C GLU A 52 -25.30 -51.09 8.42
N GLN A 53 -25.20 -50.57 9.64
CA GLN A 53 -26.19 -50.81 10.68
C GLN A 53 -27.52 -50.08 10.45
N GLY A 54 -27.62 -49.28 9.38
CA GLY A 54 -28.88 -48.60 9.03
C GLY A 54 -29.04 -47.14 9.45
N PHE A 55 -28.01 -46.55 10.08
CA PHE A 55 -28.15 -45.15 10.53
C PHE A 55 -28.09 -44.15 9.37
N ASP A 56 -28.92 -43.11 9.46
CA ASP A 56 -29.00 -42.01 8.48
C ASP A 56 -28.28 -40.73 8.94
N LYS A 57 -28.04 -40.61 10.26
CA LYS A 57 -27.58 -39.40 10.84
C LYS A 57 -26.96 -39.66 12.22
N VAL A 58 -25.97 -38.84 12.58
CA VAL A 58 -25.19 -39.03 13.75
C VAL A 58 -25.18 -37.83 14.67
N PHE A 59 -25.51 -38.05 15.93
CA PHE A 59 -25.27 -37.05 16.96
C PHE A 59 -24.01 -37.42 17.74
N ILE A 60 -23.02 -36.52 17.77
CA ILE A 60 -21.78 -36.80 18.40
C ILE A 60 -21.81 -36.31 19.85
N ALA A 61 -21.74 -37.26 20.77
CA ALA A 61 -21.65 -36.94 22.19
C ALA A 61 -20.43 -37.63 22.83
N LEU A 62 -19.39 -37.89 22.05
CA LEU A 62 -18.07 -38.26 22.57
C LEU A 62 -17.25 -36.99 22.86
N HIS A 63 -16.23 -37.11 23.70
CA HIS A 63 -15.39 -36.02 24.09
C HIS A 63 -13.95 -36.47 23.99
N GLY A 64 -13.05 -35.53 23.69
CA GLY A 64 -11.65 -35.89 23.69
C GLY A 64 -11.22 -36.68 22.47
N ARG A 65 -10.07 -37.33 22.60
CA ARG A 65 -9.42 -38.02 21.52
C ARG A 65 -10.42 -38.95 20.86
N GLY A 66 -10.48 -38.89 19.53
CA GLY A 66 -11.40 -39.78 18.75
C GLY A 66 -12.83 -39.26 18.74
N GLY A 67 -13.10 -38.11 19.36
CA GLY A 67 -14.43 -37.59 19.36
C GLY A 67 -14.54 -36.19 18.76
N GLU A 68 -13.66 -35.29 19.19
CA GLU A 68 -13.74 -33.89 18.89
C GLU A 68 -12.54 -33.34 18.14
N ASP A 69 -11.72 -34.25 17.63
CA ASP A 69 -10.41 -33.94 17.09
C ASP A 69 -10.29 -34.20 15.59
N GLY A 70 -11.36 -34.49 14.92
CA GLY A 70 -11.34 -34.65 13.47
C GLY A 70 -11.29 -36.08 12.95
N THR A 71 -10.88 -37.01 13.78
CA THR A 71 -10.71 -38.36 13.30
C THR A 71 -12.05 -39.01 13.06
N LEU A 72 -12.93 -38.93 14.04
CA LEU A 72 -14.31 -39.41 13.87
C LEU A 72 -15.06 -38.72 12.74
N GLN A 73 -14.90 -37.41 12.66
CA GLN A 73 -15.52 -36.64 11.64
C GLN A 73 -15.06 -37.15 10.25
N GLY A 74 -13.82 -37.56 10.13
CA GLY A 74 -13.32 -38.08 8.84
C GLY A 74 -13.99 -39.42 8.49
N VAL A 75 -14.16 -40.27 9.48
CA VAL A 75 -14.89 -41.51 9.27
C VAL A 75 -16.27 -41.23 8.74
N LEU A 76 -16.95 -40.29 9.38
CA LEU A 76 -18.32 -39.99 9.01
C LEU A 76 -18.39 -39.36 7.60
N GLU A 77 -17.43 -38.53 7.25
CA GLU A 77 -17.40 -37.96 5.89
C GLU A 77 -17.15 -39.11 4.92
N PHE A 78 -16.25 -40.04 5.24
CA PHE A 78 -16.02 -41.21 4.36
C PHE A 78 -17.30 -42.03 4.14
N LEU A 79 -18.05 -42.23 5.21
CA LEU A 79 -19.31 -42.95 5.12
C LEU A 79 -20.44 -42.10 4.52
N GLN A 80 -20.19 -40.82 4.38
CA GLN A 80 -21.22 -39.87 3.87
C GLN A 80 -22.47 -39.76 4.77
N LEU A 81 -22.29 -39.86 6.08
CA LEU A 81 -23.34 -39.58 7.01
C LEU A 81 -23.28 -38.15 7.55
N PRO A 82 -24.40 -37.44 7.57
CA PRO A 82 -24.43 -36.19 8.27
C PRO A 82 -24.27 -36.37 9.80
N TYR A 83 -23.67 -35.35 10.43
CA TYR A 83 -23.35 -35.42 11.84
C TYR A 83 -23.34 -34.00 12.42
N THR A 84 -23.45 -33.95 13.72
CA THR A 84 -23.55 -32.76 14.44
C THR A 84 -22.18 -32.15 14.66
N GLY A 85 -22.17 -30.86 14.94
CA GLY A 85 -20.97 -30.12 15.30
C GLY A 85 -20.13 -29.86 14.07
N SER A 86 -18.89 -29.54 14.30
CA SER A 86 -18.00 -29.05 13.25
C SER A 86 -17.39 -30.12 12.40
N GLY A 87 -16.94 -29.73 11.20
CA GLY A 87 -16.29 -30.64 10.29
C GLY A 87 -14.88 -31.02 10.68
N VAL A 88 -14.19 -31.70 9.75
CA VAL A 88 -12.89 -32.26 9.99
C VAL A 88 -11.88 -31.21 10.36
N MET A 89 -11.82 -30.19 9.54
CA MET A 89 -10.77 -29.19 9.66
C MET A 89 -10.95 -28.47 10.99
N ALA A 90 -12.15 -27.96 11.23
CA ALA A 90 -12.37 -27.20 12.43
C ALA A 90 -12.17 -28.07 13.71
N SER A 91 -12.64 -29.31 13.68
CA SER A 91 -12.59 -30.20 14.90
C SER A 91 -11.15 -30.42 15.29
N ALA A 92 -10.31 -30.72 14.28
CA ALA A 92 -8.89 -30.85 14.48
C ALA A 92 -8.13 -29.57 14.76
N LEU A 93 -8.41 -28.52 14.03
CA LEU A 93 -7.68 -27.29 14.24
C LEU A 93 -7.87 -26.78 15.71
N THR A 94 -9.09 -26.94 16.23
CA THR A 94 -9.42 -26.47 17.59
C THR A 94 -8.67 -27.24 18.69
N MET A 95 -7.97 -28.33 18.34
CA MET A 95 -7.11 -29.07 19.27
C MET A 95 -5.73 -28.50 19.37
N ASP A 96 -5.36 -27.71 18.36
CA ASP A 96 -4.00 -27.19 18.24
C ASP A 96 -3.98 -25.77 18.73
N LYS A 97 -3.44 -25.52 19.92
CA LYS A 97 -3.60 -24.19 20.52
C LYS A 97 -2.74 -23.17 19.79
N LEU A 98 -1.60 -23.60 19.27
CA LEU A 98 -0.75 -22.68 18.51
C LEU A 98 -1.47 -22.20 17.22
N ARG A 99 -1.98 -23.12 16.44
CA ARG A 99 -2.56 -22.73 15.18
C ARG A 99 -3.88 -22.05 15.30
N THR A 100 -4.65 -22.45 16.30
CA THR A 100 -5.82 -21.69 16.70
C THR A 100 -5.40 -20.21 16.98
N LYS A 101 -4.36 -19.99 17.79
CA LYS A 101 -3.92 -18.62 18.09
C LYS A 101 -3.46 -17.87 16.80
N LEU A 102 -2.71 -18.56 15.95
CA LEU A 102 -2.20 -17.93 14.76
C LEU A 102 -3.35 -17.45 13.90
N VAL A 103 -4.37 -18.26 13.73
CA VAL A 103 -5.44 -17.79 12.89
C VAL A 103 -6.09 -16.55 13.50
N TRP A 104 -6.37 -16.62 14.80
CA TRP A 104 -7.05 -15.53 15.48
C TRP A 104 -6.20 -14.24 15.38
N GLN A 105 -4.92 -14.40 15.57
CA GLN A 105 -4.00 -13.29 15.55
C GLN A 105 -3.95 -12.59 14.19
N ALA A 106 -3.92 -13.38 13.13
CA ALA A 106 -3.92 -12.81 11.77
C ALA A 106 -5.21 -12.06 11.45
N LEU A 107 -6.31 -12.44 12.11
CA LEU A 107 -7.55 -11.73 11.98
C LEU A 107 -7.68 -10.56 12.94
N GLY A 108 -6.65 -10.23 13.71
CA GLY A 108 -6.69 -9.10 14.61
C GLY A 108 -7.59 -9.37 15.82
N LEU A 109 -7.85 -10.62 16.15
CA LEU A 109 -8.70 -10.91 17.30
C LEU A 109 -7.80 -11.00 18.55
N PRO A 110 -8.32 -10.64 19.71
CA PRO A 110 -7.45 -10.51 20.90
C PRO A 110 -7.05 -11.84 21.50
N ILE A 111 -5.76 -12.04 21.58
CA ILE A 111 -5.21 -13.13 22.29
C ILE A 111 -4.11 -12.61 23.16
N SER A 112 -3.80 -13.36 24.17
CA SER A 112 -2.83 -12.94 25.16
C SER A 112 -1.46 -12.96 24.52
N PRO A 113 -0.63 -11.92 24.76
CA PRO A 113 0.73 -11.97 24.23
C PRO A 113 1.42 -13.29 24.57
N TYR A 114 2.27 -13.74 23.67
CA TYR A 114 2.81 -15.06 23.84
C TYR A 114 4.00 -15.23 22.92
N VAL A 115 4.76 -16.28 23.24
CA VAL A 115 5.88 -16.75 22.45
C VAL A 115 5.74 -18.25 22.31
N ALA A 116 6.00 -18.73 21.09
CA ALA A 116 5.95 -20.16 20.74
C ALA A 116 7.36 -20.60 20.60
N LEU A 117 7.63 -21.81 21.02
CA LEU A 117 8.93 -22.38 20.92
C LEU A 117 8.79 -23.79 20.41
N ASN A 118 9.62 -24.14 19.44
CA ASN A 118 9.70 -25.55 19.00
C ASN A 118 10.88 -26.26 19.67
N ARG A 119 10.96 -27.56 19.45
CA ARG A 119 12.02 -28.39 20.00
C ARG A 119 13.44 -27.95 19.61
N GLN A 120 13.64 -27.63 18.34
CA GLN A 120 14.94 -27.20 17.85
C GLN A 120 15.46 -25.94 18.52
N GLN A 121 14.58 -24.98 18.79
CA GLN A 121 14.99 -23.79 19.55
C GLN A 121 15.30 -24.15 21.00
N PHE A 122 14.51 -25.04 21.60
CA PHE A 122 14.74 -25.47 22.99
C PHE A 122 16.11 -26.12 23.18
N GLU A 123 16.48 -26.99 22.24
CA GLU A 123 17.76 -27.67 22.27
C GLU A 123 18.92 -26.70 21.95
N THR A 124 18.68 -25.76 21.03
CA THR A 124 19.68 -24.78 20.61
C THR A 124 20.04 -23.75 21.68
N LEU A 125 19.07 -23.32 22.51
CA LEU A 125 19.24 -22.10 23.30
C LEU A 125 19.45 -22.34 24.79
N SER A 126 20.26 -21.46 25.38
CA SER A 126 20.63 -21.50 26.78
C SER A 126 19.49 -20.95 27.58
N PRO A 127 19.34 -21.39 28.85
CA PRO A 127 18.30 -20.90 29.74
C PRO A 127 18.20 -19.37 29.81
N GLU A 128 19.34 -18.68 29.73
CA GLU A 128 19.39 -17.20 29.75
C GLU A 128 18.89 -16.60 28.43
N GLU A 129 19.19 -17.24 27.31
CA GLU A 129 18.63 -16.81 26.02
C GLU A 129 17.09 -16.99 25.96
N LEU A 130 16.59 -18.07 26.57
CA LEU A 130 15.17 -18.32 26.65
C LEU A 130 14.48 -17.22 27.49
N VAL A 131 15.06 -16.94 28.66
CA VAL A 131 14.56 -15.84 29.50
C VAL A 131 14.50 -14.54 28.72
N ALA A 132 15.50 -14.26 27.89
CA ALA A 132 15.45 -13.04 27.07
C ALA A 132 14.35 -13.11 25.98
N CYS A 133 14.12 -14.30 25.40
CA CYS A 133 13.04 -14.50 24.40
C CYS A 133 11.70 -14.05 24.94
N VAL A 134 11.46 -14.32 26.22
CA VAL A 134 10.17 -14.08 26.81
C VAL A 134 10.10 -12.85 27.73
N ALA A 135 11.17 -12.07 27.78
CA ALA A 135 11.24 -10.93 28.72
C ALA A 135 10.12 -9.94 28.46
N LYS A 136 9.80 -9.69 27.19
CA LYS A 136 8.75 -8.73 26.83
C LYS A 136 7.34 -9.13 27.32
N LEU A 137 7.16 -10.38 27.73
CA LEU A 137 5.89 -10.83 28.28
C LEU A 137 5.68 -10.41 29.72
N GLY A 138 6.75 -9.99 30.39
CA GLY A 138 6.69 -9.73 31.83
C GLY A 138 6.42 -10.98 32.65
N LEU A 139 5.92 -10.78 33.86
CA LEU A 139 5.68 -11.89 34.79
C LEU A 139 4.37 -11.64 35.49
N PRO A 140 3.71 -12.69 36.00
CA PRO A 140 4.04 -14.09 35.82
C PRO A 140 3.67 -14.58 34.40
N LEU A 141 4.01 -15.84 34.11
CA LEU A 141 3.85 -16.46 32.80
C LEU A 141 3.15 -17.82 32.92
N ILE A 142 2.42 -18.22 31.87
CA ILE A 142 1.86 -19.57 31.76
C ILE A 142 2.64 -20.28 30.67
N VAL A 143 3.12 -21.47 31.00
CA VAL A 143 3.83 -22.32 30.07
C VAL A 143 3.02 -23.58 29.86
N LYS A 144 2.79 -23.93 28.60
CA LYS A 144 2.01 -25.10 28.26
C LYS A 144 2.29 -25.70 26.88
N PRO A 145 2.04 -27.00 26.74
CA PRO A 145 2.19 -27.67 25.45
C PRO A 145 1.15 -27.19 24.47
N SER A 146 1.45 -27.21 23.19
CA SER A 146 0.50 -26.73 22.20
C SER A 146 -0.76 -27.60 22.03
N HIS A 147 -0.64 -28.90 22.26
CA HIS A 147 -1.83 -29.80 22.24
C HIS A 147 -2.43 -30.11 23.63
N SER A 151 -6.06 -31.69 30.42
CA SER A 151 -4.76 -31.07 30.23
C SER A 151 -3.72 -31.56 31.25
N VAL A 152 -2.44 -31.44 30.87
CA VAL A 152 -1.30 -31.76 31.71
C VAL A 152 -0.17 -30.70 31.44
N GLY A 153 1.03 -30.92 31.98
CA GLY A 153 2.26 -30.23 31.53
C GLY A 153 2.27 -28.70 31.58
N MET A 154 1.28 -28.13 32.28
CA MET A 154 1.12 -26.69 32.37
C MET A 154 1.77 -26.18 33.67
N SER A 155 2.42 -25.01 33.62
CA SER A 155 2.92 -24.37 34.84
C SER A 155 2.74 -22.87 34.86
N LYS A 156 2.60 -22.32 36.07
CA LYS A 156 2.74 -20.89 36.30
C LYS A 156 4.18 -20.55 36.66
N VAL A 157 4.78 -19.62 35.95
CA VAL A 157 6.13 -19.21 36.18
C VAL A 157 6.11 -17.82 36.84
N ASP A 158 6.56 -17.71 38.10
CA ASP A 158 6.52 -16.47 38.90
C ASP A 158 7.76 -15.63 38.76
N HIS A 159 8.89 -16.26 38.50
CA HIS A 159 10.07 -15.50 38.05
C HIS A 159 10.93 -16.27 37.09
N ALA A 160 11.78 -15.47 36.46
CA ALA A 160 12.65 -15.92 35.37
C ALA A 160 13.40 -17.24 35.65
N SER A 161 13.87 -17.44 36.87
CA SER A 161 14.65 -18.63 37.23
C SER A 161 13.80 -19.91 37.16
N GLU A 162 12.48 -19.80 37.25
CA GLU A 162 11.59 -20.96 37.21
C GLU A 162 11.27 -21.42 35.77
N LEU A 163 11.64 -20.62 34.77
CA LEU A 163 11.21 -20.89 33.37
C LEU A 163 11.71 -22.23 32.84
N GLN A 164 13.00 -22.50 33.07
CA GLN A 164 13.63 -23.66 32.48
C GLN A 164 12.91 -24.92 32.91
N LYS A 165 12.66 -25.06 34.22
CA LYS A 165 12.00 -26.25 34.72
C LYS A 165 10.64 -26.44 34.07
N ALA A 166 9.93 -25.33 33.87
CA ALA A 166 8.60 -25.41 33.28
C ALA A 166 8.66 -25.80 31.79
N LEU A 167 9.73 -25.36 31.11
CA LEU A 167 9.90 -25.71 29.71
C LEU A 167 10.25 -27.18 29.53
N VAL A 168 11.08 -27.70 30.42
CA VAL A 168 11.43 -29.13 30.36
C VAL A 168 10.15 -29.97 30.45
N GLU A 169 9.30 -29.66 31.44
CA GLU A 169 8.08 -30.44 31.70
C GLU A 169 7.16 -30.38 30.47
N ALA A 170 7.05 -29.20 29.87
CA ALA A 170 6.13 -29.03 28.75
C ALA A 170 6.64 -29.78 27.52
N PHE A 171 7.95 -29.76 27.30
CA PHE A 171 8.53 -30.50 26.16
C PHE A 171 8.55 -32.03 26.32
N GLN A 172 8.12 -32.55 27.47
CA GLN A 172 7.88 -34.00 27.60
C GLN A 172 6.79 -34.40 26.62
N HIS A 173 5.75 -33.58 26.55
CA HIS A 173 4.47 -33.94 25.91
C HIS A 173 4.25 -33.41 24.52
N ASP A 174 5.17 -32.61 24.00
CA ASP A 174 4.92 -31.97 22.73
C ASP A 174 6.19 -31.36 22.21
N SER A 175 6.25 -31.12 20.90
CA SER A 175 7.40 -30.49 20.28
C SER A 175 7.14 -29.00 20.01
N ASP A 176 5.94 -28.53 20.33
CA ASP A 176 5.61 -27.11 20.31
C ASP A 176 5.05 -26.67 21.70
N VAL A 177 5.55 -25.55 22.18
CA VAL A 177 5.22 -25.07 23.51
C VAL A 177 4.90 -23.61 23.43
N LEU A 178 3.92 -23.21 24.24
CA LEU A 178 3.50 -21.82 24.34
C LEU A 178 3.87 -21.25 25.70
N ILE A 179 4.40 -20.03 25.65
CA ILE A 179 4.63 -19.20 26.82
C ILE A 179 3.76 -17.98 26.70
N GLU A 180 2.82 -17.85 27.62
CA GLU A 180 1.85 -16.78 27.53
C GLU A 180 1.95 -15.88 28.75
N LYS A 181 1.61 -14.62 28.53
CA LYS A 181 1.47 -13.67 29.61
C LYS A 181 0.30 -14.09 30.47
N TRP A 182 0.47 -14.07 31.79
CA TRP A 182 -0.59 -14.51 32.70
C TRP A 182 -1.69 -13.49 32.71
N LEU A 183 -2.92 -13.99 32.86
CA LEU A 183 -4.10 -13.17 32.93
C LEU A 183 -4.82 -13.48 34.22
N SER A 184 -5.38 -12.43 34.80
CA SER A 184 -5.97 -12.45 36.16
C SER A 184 -7.28 -13.18 36.22
N GLY A 185 -8.01 -13.17 35.12
CA GLY A 185 -9.32 -13.82 35.10
C GLY A 185 -10.39 -12.78 35.41
N PRO A 186 -11.65 -13.19 35.58
CA PRO A 186 -12.10 -14.58 35.50
C PRO A 186 -12.29 -15.11 34.09
N GLU A 187 -12.62 -16.38 34.03
CA GLU A 187 -12.88 -17.09 32.81
C GLU A 187 -14.37 -17.10 32.52
N PHE A 188 -14.72 -16.99 31.23
CA PHE A 188 -16.07 -17.09 30.71
C PHE A 188 -16.13 -18.10 29.55
N THR A 189 -17.31 -18.68 29.36
CA THR A 189 -17.57 -19.50 28.23
C THR A 189 -18.87 -19.07 27.59
N VAL A 190 -18.88 -19.16 26.26
CA VAL A 190 -19.98 -18.68 25.44
C VAL A 190 -20.38 -19.82 24.50
N ALA A 191 -21.57 -20.31 24.65
CA ALA A 191 -22.05 -21.39 23.84
C ALA A 191 -22.66 -20.80 22.56
N ILE A 192 -22.45 -21.49 21.46
CA ILE A 192 -22.99 -21.07 20.20
C ILE A 192 -23.82 -22.20 19.60
N LEU A 193 -24.99 -21.86 19.11
CA LEU A 193 -25.90 -22.81 18.52
C LEU A 193 -26.31 -22.29 17.16
N GLY A 194 -25.83 -22.94 16.10
CA GLY A 194 -26.05 -22.38 14.79
C GLY A 194 -25.47 -20.97 14.68
N ASP A 195 -26.31 -20.01 14.42
CA ASP A 195 -25.83 -18.62 14.35
C ASP A 195 -26.11 -17.86 15.64
N GLU A 196 -26.79 -18.48 16.58
CA GLU A 196 -27.18 -17.82 17.80
C GLU A 196 -26.09 -17.99 18.89
N VAL A 197 -25.71 -16.87 19.47
CA VAL A 197 -24.88 -16.85 20.68
C VAL A 197 -25.75 -16.95 21.91
N LEU A 198 -25.44 -17.87 22.82
CA LEU A 198 -26.20 -17.97 24.06
C LEU A 198 -25.54 -17.14 25.16
N PRO A 199 -26.21 -16.98 26.30
CA PRO A 199 -25.69 -16.19 27.42
C PRO A 199 -24.45 -16.77 28.01
N SER A 200 -23.48 -15.90 28.23
CA SER A 200 -22.24 -16.28 28.80
C SER A 200 -22.35 -16.81 30.22
N ILE A 201 -21.34 -17.54 30.62
CA ILE A 201 -21.26 -18.11 31.95
C ILE A 201 -19.89 -17.81 32.51
N ARG A 202 -19.84 -17.31 33.73
CA ARG A 202 -18.61 -17.08 34.43
C ARG A 202 -18.26 -18.35 35.18
N ILE A 203 -16.98 -18.68 35.14
CA ILE A 203 -16.48 -19.85 35.76
C ILE A 203 -15.52 -19.41 36.90
N GLN A 204 -15.72 -20.02 38.07
CA GLN A 204 -14.86 -19.90 39.27
C GLN A 204 -14.28 -21.28 39.57
N PRO A 205 -13.01 -21.48 39.24
CA PRO A 205 -12.45 -22.81 39.50
C PRO A 205 -12.12 -23.02 40.97
N PRO A 206 -12.07 -24.30 41.41
CA PRO A 206 -11.88 -24.60 42.83
C PRO A 206 -10.56 -24.14 43.37
N GLY A 207 -10.54 -23.84 44.66
CA GLY A 207 -9.32 -23.56 45.38
C GLY A 207 -9.18 -24.35 46.67
N VAL A 208 -9.78 -25.54 46.72
CA VAL A 208 -9.48 -26.54 47.76
C VAL A 208 -9.97 -27.94 47.40
N LYS A 220 -17.54 -28.74 43.13
CA LYS A 220 -16.68 -27.65 43.63
C LYS A 220 -16.56 -26.45 42.67
N THR A 221 -16.25 -26.70 41.40
CA THR A 221 -16.26 -25.66 40.38
C THR A 221 -17.62 -24.96 40.35
N GLN A 222 -17.60 -23.63 40.31
CA GLN A 222 -18.84 -22.88 40.34
C GLN A 222 -19.05 -22.15 39.06
N TYR A 223 -20.30 -22.13 38.65
CA TYR A 223 -20.71 -21.48 37.41
C TYR A 223 -21.74 -20.42 37.73
N PHE A 224 -21.62 -19.25 37.10
CA PHE A 224 -22.63 -18.22 37.26
C PHE A 224 -23.23 -17.82 35.90
N CYS A 225 -24.54 -17.94 35.79
CA CYS A 225 -25.30 -17.55 34.62
C CYS A 225 -26.58 -16.97 35.18
N PRO A 226 -26.80 -15.64 35.06
CA PRO A 226 -26.00 -14.64 34.34
C PRO A 226 -24.61 -14.51 34.91
N SER A 227 -23.72 -14.01 34.05
CA SER A 227 -22.30 -14.02 34.32
C SER A 227 -21.92 -12.91 35.26
N GLY A 228 -22.72 -11.87 35.32
CA GLY A 228 -22.38 -10.71 36.14
C GLY A 228 -21.80 -9.55 35.36
N LEU A 229 -21.54 -9.74 34.06
CA LEU A 229 -21.01 -8.67 33.23
C LEU A 229 -22.10 -7.66 32.97
N SER A 230 -21.69 -6.42 32.70
CA SER A 230 -22.59 -5.39 32.23
C SER A 230 -23.16 -5.74 30.88
N ASP A 231 -24.28 -5.13 30.54
CA ASP A 231 -24.90 -5.35 29.26
C ASP A 231 -23.92 -5.09 28.11
N GLU A 232 -23.12 -4.03 28.22
CA GLU A 232 -22.22 -3.63 27.14
C GLU A 232 -21.08 -4.64 27.00
N SER A 233 -20.54 -5.07 28.13
CA SER A 233 -19.53 -6.12 28.13
C SER A 233 -20.03 -7.45 27.55
N GLU A 234 -21.24 -7.87 27.91
CA GLU A 234 -21.85 -9.07 27.34
C GLU A 234 -21.93 -8.99 25.84
N GLN A 235 -22.34 -7.84 25.33
CA GLN A 235 -22.56 -7.71 23.90
C GLN A 235 -21.22 -7.82 23.18
N GLN A 236 -20.17 -7.21 23.73
CA GLN A 236 -18.84 -7.29 23.15
C GLN A 236 -18.32 -8.71 23.15
N LEU A 237 -18.59 -9.40 24.23
CA LEU A 237 -18.14 -10.77 24.41
C LEU A 237 -18.84 -11.71 23.46
N ALA A 238 -20.14 -11.55 23.33
CA ALA A 238 -20.94 -12.29 22.35
C ALA A 238 -20.40 -12.14 20.94
N ALA A 239 -20.16 -10.90 20.52
CA ALA A 239 -19.70 -10.68 19.12
C ALA A 239 -18.30 -11.20 18.91
N LEU A 240 -17.50 -11.06 19.95
CA LEU A 240 -16.17 -11.63 19.91
C LEU A 240 -16.15 -13.19 19.78
N ALA A 241 -17.00 -13.85 20.57
CA ALA A 241 -17.06 -15.28 20.56
C ALA A 241 -17.45 -15.77 19.15
N LEU A 242 -18.46 -15.16 18.59
CA LEU A 242 -18.95 -15.53 17.28
C LEU A 242 -17.89 -15.37 16.19
N GLN A 243 -17.14 -14.27 16.21
CA GLN A 243 -15.99 -14.15 15.36
C GLN A 243 -14.96 -15.22 15.57
N ALA A 244 -14.72 -15.58 16.83
CA ALA A 244 -13.68 -16.56 17.11
C ALA A 244 -14.06 -17.93 16.55
N TYR A 245 -15.33 -18.22 16.66
CA TYR A 245 -15.89 -19.46 16.22
C TYR A 245 -15.88 -19.56 14.68
N HIS A 246 -16.41 -18.55 14.01
CA HIS A 246 -16.35 -18.49 12.52
C HIS A 246 -14.95 -18.43 11.97
N ALA A 247 -14.02 -17.79 12.68
CA ALA A 247 -12.62 -17.78 12.24
C ALA A 247 -12.04 -19.15 12.03
N LEU A 248 -12.47 -20.13 12.84
CA LEU A 248 -11.84 -21.45 12.77
C LEU A 248 -12.69 -22.39 11.95
N ASP A 249 -13.71 -21.84 11.30
CA ASP A 249 -14.64 -22.59 10.44
C ASP A 249 -15.54 -23.59 11.20
N CYS A 250 -15.89 -23.28 12.44
CA CYS A 250 -16.79 -24.14 13.22
C CYS A 250 -18.20 -24.01 12.71
N SER A 251 -19.02 -25.02 12.94
CA SER A 251 -20.42 -24.98 12.61
C SER A 251 -21.21 -25.93 13.52
N GLY A 252 -22.51 -25.78 13.44
CA GLY A 252 -23.45 -26.59 14.17
C GLY A 252 -23.58 -26.07 15.57
N TRP A 253 -22.56 -26.32 16.38
CA TRP A 253 -22.55 -25.80 17.72
C TRP A 253 -21.17 -25.95 18.34
N GLY A 254 -20.94 -25.26 19.45
CA GLY A 254 -19.70 -25.41 20.20
C GLY A 254 -19.64 -24.43 21.38
N ARG A 255 -18.51 -24.35 22.05
CA ARG A 255 -18.35 -23.33 23.02
C ARG A 255 -17.00 -22.63 22.97
N VAL A 256 -17.03 -21.34 23.19
CA VAL A 256 -15.82 -20.53 23.10
C VAL A 256 -15.41 -20.13 24.51
N ASP A 257 -14.17 -20.37 24.86
CA ASP A 257 -13.67 -20.03 26.18
C ASP A 257 -12.83 -18.77 26.05
N VAL A 258 -13.09 -17.83 26.94
CA VAL A 258 -12.50 -16.55 26.92
C VAL A 258 -12.02 -16.23 28.34
N MET A 259 -11.00 -15.38 28.43
CA MET A 259 -10.51 -14.95 29.71
C MET A 259 -10.38 -13.43 29.79
N GLN A 260 -10.74 -12.88 30.94
CA GLN A 260 -10.60 -11.45 31.17
C GLN A 260 -9.24 -11.14 31.82
N ASP A 261 -8.70 -9.96 31.49
CA ASP A 261 -7.55 -9.44 32.19
C ASP A 261 -7.97 -8.35 33.17
N ARG A 262 -7.01 -7.90 33.95
CA ARG A 262 -7.18 -6.89 34.98
C ARG A 262 -7.87 -5.64 34.45
N ASP A 263 -7.56 -5.28 33.21
CA ASP A 263 -8.16 -4.13 32.55
C ASP A 263 -9.57 -4.32 31.99
N GLY A 264 -10.13 -5.50 32.16
CA GLY A 264 -11.48 -5.82 31.68
C GLY A 264 -11.59 -6.31 30.25
N HIS A 265 -10.48 -6.35 29.50
CA HIS A 265 -10.54 -6.81 28.10
C HIS A 265 -10.57 -8.34 28.03
N PHE A 266 -11.21 -8.84 26.99
CA PHE A 266 -11.35 -10.31 26.80
C PHE A 266 -10.27 -10.83 25.91
N TYR A 267 -9.83 -12.04 26.20
CA TYR A 267 -8.83 -12.73 25.41
C TYR A 267 -9.27 -14.15 25.13
N LEU A 268 -9.12 -14.54 23.88
CA LEU A 268 -9.62 -15.83 23.41
C LEU A 268 -8.70 -16.95 23.80
N LEU A 269 -9.27 -18.03 24.33
CA LEU A 269 -8.48 -19.17 24.81
C LEU A 269 -8.62 -20.29 23.83
N GLU A 270 -9.84 -20.72 23.57
CA GLU A 270 -10.03 -21.95 22.80
C GLU A 270 -11.48 -22.15 22.46
N VAL A 271 -11.71 -23.04 21.50
CA VAL A 271 -13.05 -23.43 21.12
C VAL A 271 -13.17 -24.93 21.28
N ASN A 272 -14.27 -25.36 21.88
CA ASN A 272 -14.49 -26.77 22.13
C ASN A 272 -15.55 -27.16 21.17
N THR A 273 -15.24 -28.12 20.36
CA THR A 273 -16.14 -28.56 19.31
C THR A 273 -16.96 -29.82 19.63
N SER A 274 -16.79 -30.44 20.82
CA SER A 274 -17.91 -31.39 21.31
C SER A 274 -18.31 -31.32 22.80
N PRO A 275 -18.98 -30.24 23.20
CA PRO A 275 -19.04 -29.93 24.61
C PRO A 275 -19.89 -30.93 25.39
N GLY A 276 -19.62 -30.95 26.68
CA GLY A 276 -20.40 -31.74 27.63
C GLY A 276 -21.87 -31.47 27.56
N MET A 277 -22.66 -32.52 27.65
CA MET A 277 -24.12 -32.40 27.60
C MET A 277 -24.79 -33.07 28.78
N THR A 278 -24.13 -33.14 29.92
CA THR A 278 -24.75 -33.73 31.12
C THR A 278 -25.65 -32.66 31.69
N SER A 279 -26.52 -33.06 32.62
CA SER A 279 -27.42 -32.14 33.30
C SER A 279 -26.66 -31.06 34.08
N HIS A 280 -25.42 -31.32 34.44
CA HIS A 280 -24.59 -30.26 35.06
C HIS A 280 -23.66 -29.49 34.09
N SER A 281 -23.69 -29.77 32.81
CA SER A 281 -22.72 -29.14 31.90
C SER A 281 -23.07 -27.69 31.52
N LEU A 282 -22.10 -27.02 30.91
CA LEU A 282 -22.20 -25.61 30.54
C LEU A 282 -23.17 -25.28 29.42
N VAL A 283 -23.16 -26.03 28.32
CA VAL A 283 -24.05 -25.66 27.20
C VAL A 283 -25.51 -25.78 27.63
N PRO A 284 -25.90 -26.86 28.31
CA PRO A 284 -27.30 -26.95 28.82
C PRO A 284 -27.68 -25.82 29.80
N MET A 285 -26.72 -25.39 30.59
CA MET A 285 -26.95 -24.28 31.49
C MET A 285 -27.23 -23.01 30.71
N ALA A 286 -26.40 -22.70 29.71
CA ALA A 286 -26.64 -21.49 28.92
C ALA A 286 -27.92 -21.60 28.13
N ALA A 287 -28.20 -22.79 27.61
CA ALA A 287 -29.42 -22.98 26.81
C ALA A 287 -30.65 -22.70 27.70
N ARG A 288 -30.61 -23.19 28.93
CA ARG A 288 -31.75 -23.08 29.84
C ARG A 288 -31.96 -21.62 30.10
N GLN A 289 -30.91 -20.89 30.40
CA GLN A 289 -31.00 -19.43 30.56
C GLN A 289 -31.47 -18.67 29.34
N TYR A 290 -31.18 -19.19 28.15
CA TYR A 290 -31.70 -18.64 26.90
C TYR A 290 -33.17 -18.96 26.67
N GLY A 291 -33.71 -19.89 27.45
CA GLY A 291 -35.12 -20.21 27.32
C GLY A 291 -35.40 -21.53 26.64
N LEU A 292 -34.38 -22.34 26.34
CA LEU A 292 -34.60 -23.66 25.76
C LEU A 292 -34.57 -24.77 26.78
N SER A 293 -35.47 -25.74 26.62
CA SER A 293 -35.38 -27.00 27.39
C SER A 293 -34.24 -27.81 26.76
N PHE A 294 -33.77 -28.81 27.51
CA PHE A 294 -32.71 -29.66 27.09
C PHE A 294 -33.12 -30.37 25.79
N SER A 295 -34.37 -30.80 25.75
CA SER A 295 -34.85 -31.52 24.59
C SER A 295 -34.82 -30.62 23.34
N GLN A 296 -35.24 -29.36 23.52
CA GLN A 296 -35.19 -28.40 22.42
C GLN A 296 -33.77 -28.14 21.90
N LEU A 297 -32.84 -28.06 22.84
CA LEU A 297 -31.44 -27.88 22.51
C LEU A 297 -30.98 -29.00 21.61
N VAL A 298 -31.16 -30.25 22.05
CA VAL A 298 -30.61 -31.37 21.28
C VAL A 298 -31.31 -31.53 19.96
N ALA A 299 -32.60 -31.25 19.90
CA ALA A 299 -33.31 -31.34 18.62
C ALA A 299 -32.80 -30.28 17.65
N ARG A 300 -32.50 -29.08 18.19
CA ARG A 300 -31.90 -28.02 17.38
C ARG A 300 -30.49 -28.37 16.86
N ILE A 301 -29.64 -28.95 17.72
CA ILE A 301 -28.31 -29.34 17.27
C ILE A 301 -28.41 -30.33 16.14
N LEU A 302 -29.35 -31.27 16.27
CA LEU A 302 -29.52 -32.30 15.28
C LEU A 302 -30.04 -31.73 13.97
N MET A 303 -30.95 -30.80 14.07
CA MET A 303 -31.50 -30.12 12.89
C MET A 303 -30.42 -29.39 12.11
N LEU A 304 -29.36 -28.93 12.78
CA LEU A 304 -28.26 -28.21 12.13
C LEU A 304 -27.26 -29.12 11.44
N ALA A 305 -27.47 -30.43 11.56
CA ALA A 305 -26.68 -31.37 10.79
C ALA A 305 -27.43 -31.69 9.53
N ASP A 306 -26.77 -31.47 8.40
CA ASP A 306 -27.38 -31.85 7.12
C ASP A 306 -26.32 -32.37 6.14
N MET B 1 6.84 -62.82 9.99
CA MET B 1 6.03 -61.77 9.32
C MET B 1 6.83 -60.52 8.98
N ALA B 2 6.97 -60.28 7.68
CA ALA B 2 7.19 -58.91 7.18
C ALA B 2 5.84 -58.16 7.21
N GLU B 3 5.90 -56.85 7.42
CA GLU B 3 4.73 -55.99 7.44
C GLU B 3 4.08 -56.18 6.09
N LYS B 4 2.76 -56.23 6.05
CA LYS B 4 2.01 -56.15 4.79
C LYS B 4 1.59 -54.72 4.58
N VAL B 5 1.92 -54.19 3.44
CA VAL B 5 1.65 -52.78 3.15
C VAL B 5 0.62 -52.66 2.05
N ALA B 6 -0.42 -51.88 2.31
CA ALA B 6 -1.40 -51.51 1.32
C ALA B 6 -1.05 -50.19 0.62
N VAL B 7 -1.00 -50.22 -0.69
CA VAL B 7 -0.93 -49.01 -1.52
C VAL B 7 -2.31 -48.63 -2.03
N LEU B 8 -2.87 -47.58 -1.45
CA LEU B 8 -4.17 -47.12 -1.79
C LEU B 8 -4.07 -46.29 -3.04
N LEU B 9 -4.85 -46.67 -4.03
CA LEU B 9 -4.77 -46.04 -5.35
C LEU B 9 -6.11 -45.95 -6.03
N GLY B 10 -6.14 -45.14 -7.07
CA GLY B 10 -7.37 -44.90 -7.82
C GLY B 10 -8.46 -44.10 -7.13
N GLY B 11 -9.33 -44.78 -6.40
CA GLY B 11 -10.46 -44.12 -5.74
C GLY B 11 -11.48 -43.52 -6.69
N THR B 12 -12.29 -42.62 -6.15
CA THR B 12 -13.41 -42.08 -6.88
C THR B 12 -13.32 -40.58 -7.14
N SER B 13 -12.16 -39.96 -6.96
CA SER B 13 -12.10 -38.52 -7.16
C SER B 13 -11.78 -38.20 -8.63
N ALA B 14 -11.90 -36.92 -8.98
CA ALA B 14 -11.59 -36.44 -10.32
C ALA B 14 -10.20 -36.84 -10.77
N GLU B 15 -9.28 -37.02 -9.82
CA GLU B 15 -7.90 -37.37 -10.15
C GLU B 15 -7.65 -38.87 -10.20
N ARG B 16 -8.71 -39.67 -10.26
CA ARG B 16 -8.59 -41.12 -10.27
C ARG B 16 -7.53 -41.62 -11.24
N GLU B 17 -7.48 -41.09 -12.45
CA GLU B 17 -6.64 -41.71 -13.48
C GLU B 17 -5.20 -41.47 -13.13
N VAL B 18 -4.89 -40.27 -12.63
CA VAL B 18 -3.52 -39.97 -12.18
C VAL B 18 -3.12 -40.80 -10.97
N SER B 19 -4.06 -41.05 -10.06
CA SER B 19 -3.80 -41.87 -8.88
C SER B 19 -3.53 -43.34 -9.23
N LEU B 20 -4.22 -43.89 -10.24
CA LEU B 20 -3.90 -45.25 -10.73
C LEU B 20 -2.46 -45.36 -11.20
N LEU B 21 -1.99 -44.34 -11.89
CA LEU B 21 -0.60 -44.32 -12.28
C LEU B 21 0.39 -44.11 -11.11
N SER B 22 0.03 -43.24 -10.16
CA SER B 22 0.89 -43.04 -9.03
C SER B 22 1.01 -44.38 -8.28
N GLY B 23 -0.12 -45.00 -8.06
CA GLY B 23 -0.21 -46.22 -7.29
C GLY B 23 0.54 -47.37 -7.93
N GLN B 24 0.43 -47.47 -9.26
CA GLN B 24 1.16 -48.51 -9.99
C GLN B 24 2.66 -48.31 -9.84
N ALA B 25 3.10 -47.06 -9.88
CA ALA B 25 4.51 -46.82 -9.83
C ALA B 25 5.00 -47.08 -8.38
N VAL B 26 4.27 -46.59 -7.39
CA VAL B 26 4.65 -46.77 -5.98
C VAL B 26 4.73 -48.25 -5.69
N LEU B 27 3.72 -48.99 -6.09
CA LEU B 27 3.75 -50.45 -5.93
C LEU B 27 5.03 -51.11 -6.43
N ALA B 28 5.42 -50.77 -7.66
CA ALA B 28 6.63 -51.36 -8.26
C ALA B 28 7.89 -50.87 -7.53
N GLY B 29 7.87 -49.61 -7.08
CA GLY B 29 8.96 -49.06 -6.32
C GLY B 29 9.12 -49.74 -4.97
N LEU B 30 8.04 -49.96 -4.25
CA LEU B 30 8.14 -50.65 -2.96
C LEU B 30 8.59 -52.12 -3.05
N LYS B 31 8.10 -52.80 -4.07
CA LYS B 31 8.48 -54.19 -4.31
C LYS B 31 9.99 -54.29 -4.60
N GLU B 32 10.49 -53.38 -5.43
CA GLU B 32 11.90 -53.34 -5.75
C GLU B 32 12.79 -53.13 -4.51
N ALA B 33 12.27 -52.44 -3.49
CA ALA B 33 13.02 -52.22 -2.26
C ALA B 33 12.88 -53.33 -1.22
N GLY B 34 12.09 -54.35 -1.51
CA GLY B 34 11.95 -55.51 -0.62
C GLY B 34 10.71 -55.50 0.26
N ILE B 35 9.80 -54.55 0.01
CA ILE B 35 8.65 -54.38 0.84
C ILE B 35 7.53 -55.29 0.35
N ASP B 36 6.82 -55.94 1.28
CA ASP B 36 5.66 -56.77 0.92
C ASP B 36 4.39 -55.95 0.67
N ALA B 37 4.30 -55.37 -0.52
CA ALA B 37 3.23 -54.39 -0.81
C ALA B 37 2.16 -54.94 -1.75
N TYR B 38 0.93 -54.46 -1.57
CA TYR B 38 -0.19 -54.82 -2.42
C TYR B 38 -0.95 -53.56 -2.85
N GLY B 39 -1.34 -53.57 -4.11
CA GLY B 39 -2.22 -52.58 -4.68
C GLY B 39 -3.65 -52.74 -4.23
N VAL B 40 -4.25 -51.66 -3.78
CA VAL B 40 -5.63 -51.64 -3.33
C VAL B 40 -6.38 -50.46 -3.91
N ASP B 41 -7.22 -50.75 -4.90
CA ASP B 41 -8.03 -49.75 -5.60
C ASP B 41 -9.23 -49.49 -4.73
N THR B 42 -9.31 -48.29 -4.18
CA THR B 42 -10.30 -48.02 -3.15
C THR B 42 -11.67 -47.78 -3.73
N LYS B 43 -11.78 -47.57 -5.04
CA LYS B 43 -13.09 -47.66 -5.69
C LYS B 43 -13.81 -49.03 -5.39
N ASP B 44 -13.06 -50.12 -5.30
CA ASP B 44 -13.66 -51.47 -5.16
C ASP B 44 -13.47 -52.09 -3.81
N PHE B 45 -12.52 -51.58 -3.05
CA PHE B 45 -12.27 -52.08 -1.73
C PHE B 45 -12.44 -50.92 -0.72
N PRO B 46 -13.30 -51.12 0.29
CA PRO B 46 -13.49 -50.07 1.28
C PRO B 46 -12.32 -49.99 2.26
N VAL B 47 -11.80 -48.78 2.41
CA VAL B 47 -10.68 -48.54 3.29
C VAL B 47 -10.98 -48.92 4.75
N THR B 48 -12.24 -48.96 5.16
CA THR B 48 -12.61 -49.32 6.53
C THR B 48 -12.28 -50.79 6.87
N GLN B 49 -11.93 -51.60 5.87
CA GLN B 49 -11.61 -52.99 6.10
C GLN B 49 -10.13 -53.33 5.93
N LEU B 50 -9.29 -52.31 5.81
CA LEU B 50 -7.88 -52.57 5.60
C LEU B 50 -7.29 -53.39 6.74
N LYS B 51 -7.67 -53.09 7.98
CA LYS B 51 -7.14 -53.84 9.12
C LYS B 51 -7.66 -55.28 9.15
N GLU B 52 -8.96 -55.47 8.91
CA GLU B 52 -9.54 -56.82 8.84
C GLU B 52 -8.80 -57.67 7.75
N GLN B 53 -8.44 -57.04 6.64
CA GLN B 53 -7.78 -57.74 5.56
C GLN B 53 -6.31 -58.12 5.86
N GLY B 54 -5.79 -57.72 7.02
CA GLY B 54 -4.42 -58.09 7.41
C GLY B 54 -3.32 -57.05 7.15
N PHE B 55 -3.66 -55.86 6.66
CA PHE B 55 -2.61 -54.85 6.44
C PHE B 55 -2.10 -54.20 7.75
N ASP B 56 -0.80 -53.95 7.78
CA ASP B 56 -0.12 -53.40 8.95
C ASP B 56 0.23 -51.93 8.75
N LYS B 57 0.28 -51.50 7.49
CA LYS B 57 0.74 -50.20 7.17
C LYS B 57 0.20 -49.77 5.80
N VAL B 58 0.03 -48.45 5.63
CA VAL B 58 -0.62 -47.87 4.46
C VAL B 58 0.22 -46.80 3.75
N PHE B 59 0.41 -46.99 2.47
CA PHE B 59 0.97 -45.94 1.64
C PHE B 59 -0.18 -45.26 0.88
N ILE B 60 -0.34 -43.94 1.09
CA ILE B 60 -1.39 -43.23 0.42
C ILE B 60 -0.91 -42.68 -0.92
N ALA B 61 -1.52 -43.20 -1.99
CA ALA B 61 -1.27 -42.67 -3.33
C ALA B 61 -2.57 -42.22 -4.04
N LEU B 62 -3.61 -41.89 -3.26
CA LEU B 62 -4.81 -41.22 -3.75
C LEU B 62 -4.58 -39.68 -3.77
N HIS B 63 -5.32 -38.97 -4.59
CA HIS B 63 -5.18 -37.52 -4.76
C HIS B 63 -6.56 -36.90 -4.67
N GLY B 64 -6.66 -35.66 -4.21
CA GLY B 64 -7.93 -34.99 -4.20
C GLY B 64 -8.86 -35.45 -3.09
N ARG B 65 -10.13 -35.19 -3.30
CA ARG B 65 -11.16 -35.42 -2.32
C ARG B 65 -11.06 -36.87 -1.88
N GLY B 66 -11.13 -37.10 -0.56
CA GLY B 66 -11.06 -38.46 0.00
C GLY B 66 -9.66 -39.04 0.00
N GLY B 67 -8.66 -38.27 -0.43
CA GLY B 67 -7.29 -38.77 -0.39
C GLY B 67 -6.32 -37.88 0.40
N GLU B 68 -6.41 -36.56 0.20
CA GLU B 68 -5.45 -35.59 0.71
C GLU B 68 -6.07 -34.47 1.53
N ASP B 69 -7.30 -34.70 1.92
CA ASP B 69 -8.12 -33.74 2.62
C ASP B 69 -8.48 -34.08 4.06
N GLY B 70 -7.90 -35.11 4.62
CA GLY B 70 -8.13 -35.42 6.06
C GLY B 70 -9.16 -36.52 6.35
N THR B 71 -10.00 -36.87 5.38
CA THR B 71 -11.06 -37.79 5.66
C THR B 71 -10.48 -39.19 5.74
N LEU B 72 -9.71 -39.57 4.73
CA LEU B 72 -9.01 -40.86 4.74
C LEU B 72 -8.08 -41.02 5.95
N GLN B 73 -7.39 -39.93 6.30
CA GLN B 73 -6.47 -39.93 7.36
C GLN B 73 -7.22 -40.22 8.68
N GLY B 74 -8.42 -39.72 8.81
CA GLY B 74 -9.27 -40.02 9.96
C GLY B 74 -9.71 -41.49 10.06
N VAL B 75 -10.08 -42.07 8.95
CA VAL B 75 -10.33 -43.52 8.93
C VAL B 75 -9.10 -44.29 9.45
N LEU B 76 -7.92 -43.96 8.91
CA LEU B 76 -6.73 -44.71 9.24
C LEU B 76 -6.33 -44.49 10.69
N GLU B 77 -6.51 -43.27 11.20
CA GLU B 77 -6.29 -43.03 12.63
C GLU B 77 -7.22 -43.85 13.45
N PHE B 78 -8.49 -43.90 13.06
CA PHE B 78 -9.44 -44.73 13.76
C PHE B 78 -8.98 -46.21 13.80
N LEU B 79 -8.58 -46.72 12.65
CA LEU B 79 -8.15 -48.12 12.54
C LEU B 79 -6.79 -48.35 13.18
N GLN B 80 -6.12 -47.25 13.53
CA GLN B 80 -4.78 -47.30 14.12
C GLN B 80 -3.75 -47.93 13.21
N LEU B 81 -3.87 -47.70 11.91
CA LEU B 81 -2.83 -48.08 10.97
C LEU B 81 -1.90 -46.92 10.70
N PRO B 82 -0.60 -47.15 10.81
CA PRO B 82 0.29 -46.15 10.33
C PRO B 82 0.16 -45.93 8.80
N TYR B 83 0.39 -44.68 8.38
CA TYR B 83 0.17 -44.26 7.04
C TYR B 83 1.09 -43.13 6.69
N THR B 84 1.30 -42.98 5.43
CA THR B 84 2.26 -42.01 4.90
C THR B 84 1.65 -40.63 4.86
N GLY B 85 2.49 -39.60 4.76
CA GLY B 85 2.04 -38.21 4.59
C GLY B 85 1.55 -37.63 5.88
N SER B 86 0.88 -36.50 5.77
CA SER B 86 0.46 -35.68 6.93
C SER B 86 -0.78 -36.20 7.60
N GLY B 87 -0.93 -35.83 8.87
CA GLY B 87 -2.09 -36.20 9.63
C GLY B 87 -3.37 -35.48 9.25
N VAL B 88 -4.37 -35.65 10.09
CA VAL B 88 -5.71 -35.16 9.79
C VAL B 88 -5.73 -33.63 9.66
N MET B 89 -5.09 -32.97 10.57
CA MET B 89 -5.23 -31.53 10.72
C MET B 89 -4.55 -30.89 9.55
N ALA B 90 -3.33 -31.28 9.32
CA ALA B 90 -2.58 -30.70 8.23
C ALA B 90 -3.16 -31.01 6.85
N SER B 91 -3.66 -32.24 6.66
CA SER B 91 -4.21 -32.66 5.38
C SER B 91 -5.41 -31.80 5.05
N ALA B 92 -6.28 -31.61 6.06
CA ALA B 92 -7.43 -30.81 5.87
C ALA B 92 -7.14 -29.28 5.87
N LEU B 93 -6.26 -28.80 6.72
CA LEU B 93 -5.95 -27.35 6.73
C LEU B 93 -5.39 -26.90 5.36
N THR B 94 -4.55 -27.71 4.75
CA THR B 94 -3.97 -27.40 3.45
C THR B 94 -4.99 -27.30 2.31
N MET B 95 -6.23 -27.73 2.51
CA MET B 95 -7.29 -27.59 1.54
C MET B 95 -7.99 -26.24 1.69
N ASP B 96 -7.81 -25.60 2.86
CA ASP B 96 -8.48 -24.32 3.14
C ASP B 96 -7.48 -23.19 2.83
N LYS B 97 -7.60 -22.56 1.68
CA LYS B 97 -6.58 -21.63 1.25
C LYS B 97 -6.60 -20.35 2.10
N LEU B 98 -7.76 -19.96 2.58
CA LEU B 98 -7.88 -18.85 3.51
C LEU B 98 -7.13 -19.11 4.82
N ARG B 99 -7.40 -20.23 5.46
CA ARG B 99 -6.76 -20.46 6.75
C ARG B 99 -5.29 -20.77 6.63
N THR B 100 -4.90 -21.47 5.58
CA THR B 100 -3.49 -21.66 5.23
C THR B 100 -2.81 -20.25 5.17
N LYS B 101 -3.39 -19.31 4.45
CA LYS B 101 -2.83 -17.99 4.37
C LYS B 101 -2.78 -17.27 5.73
N LEU B 102 -3.82 -17.37 6.50
CA LEU B 102 -3.85 -16.73 7.83
C LEU B 102 -2.79 -17.27 8.72
N VAL B 103 -2.56 -18.57 8.70
CA VAL B 103 -1.49 -19.10 9.57
C VAL B 103 -0.13 -18.57 9.10
N TRP B 104 0.11 -18.58 7.79
CA TRP B 104 1.39 -18.15 7.28
C TRP B 104 1.62 -16.66 7.64
N GLN B 105 0.61 -15.89 7.45
CA GLN B 105 0.68 -14.47 7.67
C GLN B 105 0.97 -14.10 9.17
N ALA B 106 0.37 -14.82 10.09
CA ALA B 106 0.64 -14.61 11.52
C ALA B 106 2.06 -14.97 11.92
N LEU B 107 2.66 -15.91 11.20
CA LEU B 107 4.05 -16.22 11.40
C LEU B 107 5.00 -15.28 10.66
N GLY B 108 4.52 -14.24 10.01
CA GLY B 108 5.38 -13.35 9.27
C GLY B 108 5.94 -13.97 7.98
N LEU B 109 5.31 -15.00 7.43
CA LEU B 109 5.81 -15.60 6.21
C LEU B 109 5.19 -14.87 5.00
N PRO B 110 5.88 -14.83 3.86
CA PRO B 110 5.42 -14.00 2.76
C PRO B 110 4.30 -14.62 1.96
N ILE B 111 3.21 -13.89 1.82
CA ILE B 111 2.11 -14.26 0.91
C ILE B 111 1.70 -13.05 0.12
N SER B 112 1.05 -13.28 -0.98
CA SER B 112 0.64 -12.23 -1.88
C SER B 112 -0.52 -11.44 -1.28
N PRO B 113 -0.56 -10.12 -1.48
CA PRO B 113 -1.70 -9.38 -0.98
C PRO B 113 -3.02 -9.94 -1.49
N TYR B 114 -4.03 -9.83 -0.64
CA TYR B 114 -5.29 -10.47 -0.97
C TYR B 114 -6.38 -9.88 -0.09
N VAL B 115 -7.59 -10.13 -0.53
CA VAL B 115 -8.79 -9.83 0.17
C VAL B 115 -9.63 -11.12 0.19
N ALA B 116 -10.20 -11.38 1.37
CA ALA B 116 -11.17 -12.47 1.56
C ALA B 116 -12.58 -11.89 1.62
N LEU B 117 -13.55 -12.55 1.02
CA LEU B 117 -14.93 -12.14 1.05
C LEU B 117 -15.80 -13.33 1.39
N ASN B 118 -16.74 -13.13 2.30
CA ASN B 118 -17.72 -14.17 2.60
C ASN B 118 -19.03 -13.89 1.84
N ARG B 119 -19.94 -14.82 1.91
CA ARG B 119 -21.25 -14.71 1.26
C ARG B 119 -22.07 -13.50 1.74
N GLN B 120 -22.09 -13.24 3.04
CA GLN B 120 -22.86 -12.08 3.59
C GLN B 120 -22.36 -10.75 3.04
N GLN B 121 -21.06 -10.60 2.85
CA GLN B 121 -20.53 -9.37 2.22
C GLN B 121 -20.91 -9.31 0.74
N PHE B 122 -20.85 -10.45 0.05
CA PHE B 122 -21.21 -10.51 -1.37
C PHE B 122 -22.66 -10.09 -1.64
N GLU B 123 -23.56 -10.57 -0.80
CA GLU B 123 -24.97 -10.23 -0.89
C GLU B 123 -25.23 -8.77 -0.45
N THR B 124 -24.52 -8.31 0.57
CA THR B 124 -24.66 -6.93 1.06
C THR B 124 -24.18 -5.84 0.09
N LEU B 125 -23.13 -6.10 -0.68
CA LEU B 125 -22.39 -5.00 -1.33
C LEU B 125 -22.61 -4.95 -2.82
N SER B 126 -22.57 -3.72 -3.33
CA SER B 126 -22.78 -3.43 -4.75
C SER B 126 -21.49 -3.71 -5.49
N PRO B 127 -21.59 -4.03 -6.79
CA PRO B 127 -20.45 -4.30 -7.63
C PRO B 127 -19.37 -3.23 -7.55
N GLU B 128 -19.78 -1.96 -7.42
CA GLU B 128 -18.86 -0.84 -7.31
C GLU B 128 -18.18 -0.81 -5.94
N GLU B 129 -18.90 -1.16 -4.88
CA GLU B 129 -18.29 -1.30 -3.55
C GLU B 129 -17.27 -2.46 -3.47
N LEU B 130 -17.55 -3.54 -4.18
CA LEU B 130 -16.62 -4.67 -4.29
C LEU B 130 -15.33 -4.26 -5.03
N VAL B 131 -15.49 -3.61 -6.19
CA VAL B 131 -14.34 -3.04 -6.90
C VAL B 131 -13.52 -2.18 -5.96
N ALA B 132 -14.17 -1.36 -5.14
CA ALA B 132 -13.39 -0.50 -4.20
C ALA B 132 -12.69 -1.33 -3.08
N CYS B 133 -13.33 -2.41 -2.61
CA CYS B 133 -12.71 -3.34 -1.63
C CYS B 133 -11.38 -3.88 -2.11
N VAL B 134 -11.28 -4.15 -3.40
CA VAL B 134 -10.12 -4.75 -3.96
C VAL B 134 -9.21 -3.82 -4.75
N ALA B 135 -9.52 -2.53 -4.78
CA ALA B 135 -8.74 -1.56 -5.59
C ALA B 135 -7.27 -1.54 -5.24
N LYS B 136 -6.95 -1.67 -3.94
CA LYS B 136 -5.57 -1.63 -3.45
C LYS B 136 -4.70 -2.79 -3.96
N LEU B 137 -5.33 -3.82 -4.49
CA LEU B 137 -4.62 -4.95 -5.04
C LEU B 137 -4.14 -4.69 -6.45
N GLY B 138 -4.67 -3.66 -7.12
CA GLY B 138 -4.33 -3.39 -8.51
C GLY B 138 -4.89 -4.46 -9.43
N LEU B 139 -4.32 -4.54 -10.63
CA LEU B 139 -4.76 -5.45 -11.66
C LEU B 139 -3.55 -6.00 -12.37
N PRO B 140 -3.68 -7.19 -12.96
CA PRO B 140 -4.80 -8.10 -12.85
C PRO B 140 -4.91 -8.80 -11.48
N LEU B 141 -5.98 -9.57 -11.30
CA LEU B 141 -6.37 -10.24 -10.06
C LEU B 141 -6.74 -11.70 -10.30
N ILE B 142 -6.52 -12.55 -9.28
CA ILE B 142 -6.96 -13.96 -9.32
C ILE B 142 -8.06 -14.09 -8.31
N VAL B 143 -9.18 -14.62 -8.78
CA VAL B 143 -10.35 -14.84 -7.98
C VAL B 143 -10.56 -16.35 -7.89
N LYS B 144 -10.72 -16.84 -6.66
CA LYS B 144 -10.91 -18.25 -6.45
C LYS B 144 -11.65 -18.58 -5.14
N PRO B 145 -12.38 -19.67 -5.18
CA PRO B 145 -12.99 -20.20 -3.95
C PRO B 145 -11.93 -20.56 -2.93
N SER B 146 -12.25 -20.42 -1.65
CA SER B 146 -11.28 -20.73 -0.59
C SER B 146 -10.91 -22.19 -0.52
N HIS B 147 -11.83 -23.09 -0.87
CA HIS B 147 -11.54 -24.55 -0.99
C HIS B 147 -11.47 -24.99 -2.45
N GLU B 148 -10.56 -25.87 -2.84
CA GLU B 148 -10.57 -26.36 -4.26
C GLU B 148 -11.87 -26.01 -5.03
N SER B 151 -8.63 -24.47 -12.41
CA SER B 151 -9.48 -25.23 -11.51
C SER B 151 -10.83 -24.58 -11.30
N VAL B 152 -11.68 -25.32 -10.57
CA VAL B 152 -13.18 -25.28 -10.62
C VAL B 152 -13.87 -23.90 -10.83
N GLY B 153 -13.71 -22.95 -9.92
CA GLY B 153 -14.35 -21.62 -10.07
C GLY B 153 -13.35 -20.47 -10.04
N MET B 154 -12.20 -20.69 -10.67
CA MET B 154 -11.08 -19.78 -10.58
C MET B 154 -10.91 -18.94 -11.87
N SER B 155 -10.77 -17.61 -11.76
CA SER B 155 -10.53 -16.75 -12.95
C SER B 155 -9.46 -15.70 -12.76
N LYS B 156 -8.90 -15.27 -13.90
CA LYS B 156 -8.11 -14.07 -13.99
C LYS B 156 -9.00 -12.87 -14.34
N VAL B 157 -8.95 -11.83 -13.53
CA VAL B 157 -9.71 -10.64 -13.75
C VAL B 157 -8.74 -9.55 -14.25
N ASP B 158 -8.94 -9.12 -15.50
CA ASP B 158 -8.01 -8.17 -16.17
C ASP B 158 -8.44 -6.71 -16.03
N HIS B 159 -9.74 -6.47 -15.94
CA HIS B 159 -10.33 -5.13 -15.70
C HIS B 159 -11.40 -5.19 -14.60
N ALA B 160 -11.54 -4.10 -13.85
CA ALA B 160 -12.54 -3.97 -12.78
C ALA B 160 -13.93 -4.46 -13.17
N SER B 161 -14.31 -4.22 -14.42
CA SER B 161 -15.65 -4.56 -14.91
C SER B 161 -15.88 -6.09 -14.97
N GLU B 162 -14.81 -6.88 -15.03
CA GLU B 162 -14.92 -8.34 -15.07
C GLU B 162 -15.08 -8.96 -13.64
N LEU B 163 -14.91 -8.17 -12.57
CA LEU B 163 -14.82 -8.73 -11.20
C LEU B 163 -16.11 -9.45 -10.80
N GLN B 164 -17.23 -8.82 -11.08
CA GLN B 164 -18.52 -9.29 -10.61
C GLN B 164 -18.79 -10.67 -11.14
N LYS B 165 -18.61 -10.85 -12.45
CA LYS B 165 -18.82 -12.14 -13.05
C LYS B 165 -17.94 -13.21 -12.39
N ALA B 166 -16.70 -12.85 -12.09
CA ALA B 166 -15.76 -13.82 -11.50
C ALA B 166 -16.14 -14.15 -10.06
N LEU B 167 -16.73 -13.19 -9.36
CA LEU B 167 -17.20 -13.42 -8.02
C LEU B 167 -18.43 -14.32 -8.01
N VAL B 168 -19.35 -14.11 -8.94
CA VAL B 168 -20.54 -14.94 -9.04
C VAL B 168 -20.14 -16.40 -9.24
N GLU B 169 -19.25 -16.63 -10.19
CA GLU B 169 -18.79 -17.96 -10.48
C GLU B 169 -18.14 -18.62 -9.25
N ALA B 170 -17.32 -17.87 -8.54
CA ALA B 170 -16.60 -18.43 -7.39
C ALA B 170 -17.59 -18.76 -6.26
N PHE B 171 -18.56 -17.89 -6.04
CA PHE B 171 -19.54 -18.15 -5.01
C PHE B 171 -20.56 -19.24 -5.36
N GLN B 172 -20.48 -19.83 -6.55
CA GLN B 172 -21.23 -21.06 -6.86
C GLN B 172 -20.76 -22.17 -5.93
N HIS B 173 -19.42 -22.24 -5.75
CA HIS B 173 -18.74 -23.39 -5.13
C HIS B 173 -18.31 -23.24 -3.66
N ASP B 174 -18.53 -22.08 -3.06
CA ASP B 174 -18.02 -21.86 -1.72
C ASP B 174 -18.63 -20.64 -1.15
N SER B 175 -18.60 -20.54 0.17
CA SER B 175 -19.10 -19.33 0.85
C SER B 175 -17.96 -18.36 1.24
N ASP B 176 -16.73 -18.78 1.00
CA ASP B 176 -15.58 -17.92 1.17
C ASP B 176 -14.79 -17.86 -0.14
N VAL B 177 -14.39 -16.64 -0.51
CA VAL B 177 -13.70 -16.42 -1.78
C VAL B 177 -12.48 -15.51 -1.53
N LEU B 178 -11.42 -15.78 -2.28
CA LEU B 178 -10.18 -15.04 -2.23
C LEU B 178 -9.97 -14.29 -3.52
N ILE B 179 -9.58 -13.03 -3.34
CA ILE B 179 -9.13 -12.18 -4.44
C ILE B 179 -7.71 -11.81 -4.19
N GLU B 180 -6.83 -12.24 -5.07
CA GLU B 180 -5.41 -12.09 -4.87
C GLU B 180 -4.77 -11.30 -5.99
N LYS B 181 -3.71 -10.60 -5.62
CA LYS B 181 -2.91 -9.86 -6.52
C LYS B 181 -2.13 -10.81 -7.41
N TRP B 182 -2.15 -10.53 -8.71
CA TRP B 182 -1.38 -11.33 -9.67
C TRP B 182 0.12 -11.08 -9.60
N LEU B 183 0.90 -12.12 -9.78
CA LEU B 183 2.36 -12.09 -9.64
C LEU B 183 2.90 -12.55 -10.92
N SER B 184 4.04 -11.96 -11.29
CA SER B 184 4.68 -12.07 -12.60
C SER B 184 5.44 -13.39 -12.77
N GLY B 185 5.87 -14.01 -11.68
CA GLY B 185 6.42 -15.41 -11.74
C GLY B 185 7.93 -15.33 -11.82
N PRO B 186 8.60 -16.44 -12.10
CA PRO B 186 8.02 -17.79 -12.30
C PRO B 186 7.65 -18.54 -11.01
N GLU B 187 7.02 -19.68 -11.22
CA GLU B 187 6.59 -20.56 -10.16
C GLU B 187 7.64 -21.61 -9.90
N PHE B 188 7.77 -21.99 -8.64
CA PHE B 188 8.64 -23.10 -8.17
C PHE B 188 7.86 -24.04 -7.26
N THR B 189 8.33 -25.28 -7.18
CA THR B 189 7.83 -26.22 -6.26
C THR B 189 8.98 -26.89 -5.59
N VAL B 190 8.81 -27.12 -4.29
CA VAL B 190 9.86 -27.64 -3.40
C VAL B 190 9.30 -28.88 -2.71
N ALA B 191 9.89 -30.00 -2.98
CA ALA B 191 9.46 -31.24 -2.39
C ALA B 191 10.15 -31.36 -1.03
N ILE B 192 9.43 -31.88 -0.06
CA ILE B 192 10.01 -32.16 1.24
C ILE B 192 9.79 -33.61 1.63
N LEU B 193 10.83 -34.23 2.17
CA LEU B 193 10.85 -35.63 2.52
C LEU B 193 11.38 -35.76 3.94
N GLY B 194 10.49 -36.05 4.89
CA GLY B 194 10.91 -35.96 6.28
C GLY B 194 11.44 -34.57 6.63
N ASP B 195 12.68 -34.49 7.03
CA ASP B 195 13.29 -33.20 7.33
C ASP B 195 14.14 -32.67 6.20
N GLU B 196 14.29 -33.46 5.15
CA GLU B 196 15.08 -33.06 4.00
C GLU B 196 14.25 -32.27 2.96
N VAL B 197 14.79 -31.13 2.58
CA VAL B 197 14.29 -30.37 1.42
C VAL B 197 14.96 -30.85 0.16
N LEU B 198 14.20 -31.22 -0.87
CA LEU B 198 14.81 -31.61 -2.16
C LEU B 198 14.97 -30.41 -3.09
N PRO B 199 15.71 -30.61 -4.19
CA PRO B 199 15.97 -29.49 -5.13
C PRO B 199 14.70 -28.97 -5.75
N SER B 200 14.55 -27.66 -5.69
CA SER B 200 13.44 -26.99 -6.30
C SER B 200 13.35 -27.26 -7.80
N ILE B 201 12.14 -27.11 -8.32
CA ILE B 201 11.88 -27.18 -9.72
C ILE B 201 11.19 -25.90 -10.17
N ARG B 202 11.64 -25.33 -11.28
CA ARG B 202 11.00 -24.20 -11.92
C ARG B 202 9.99 -24.70 -12.91
N ILE B 203 8.82 -24.10 -12.86
CA ILE B 203 7.73 -24.48 -13.70
C ILE B 203 7.47 -23.31 -14.69
N GLN B 204 7.42 -23.62 -15.98
CA GLN B 204 7.15 -22.65 -17.08
C GLN B 204 5.88 -23.03 -17.80
N PRO B 205 4.81 -22.28 -17.55
CA PRO B 205 3.62 -22.61 -18.32
C PRO B 205 3.81 -22.14 -19.76
N PRO B 206 3.10 -22.77 -20.71
CA PRO B 206 3.30 -22.48 -22.15
C PRO B 206 2.93 -21.05 -22.54
N THR B 221 3.89 -27.53 -21.30
CA THR B 221 4.40 -27.10 -19.97
C THR B 221 5.76 -27.68 -19.66
N GLN B 222 6.68 -26.83 -19.21
CA GLN B 222 8.08 -27.23 -19.01
C GLN B 222 8.55 -27.15 -17.57
N TYR B 223 9.38 -28.11 -17.17
CA TYR B 223 9.93 -28.20 -15.82
C TYR B 223 11.42 -28.11 -15.93
N PHE B 224 12.05 -27.31 -15.08
CA PHE B 224 13.49 -27.29 -15.01
C PHE B 224 13.98 -27.65 -13.61
N CYS B 225 14.84 -28.67 -13.55
CA CYS B 225 15.52 -29.07 -12.33
C CYS B 225 16.94 -29.45 -12.78
N PRO B 226 17.98 -28.69 -12.35
CA PRO B 226 17.99 -27.53 -11.44
C PRO B 226 17.12 -26.39 -11.93
N SER B 227 16.71 -25.57 -10.98
CA SER B 227 15.72 -24.56 -11.20
C SER B 227 16.31 -23.33 -11.87
N GLY B 228 17.60 -23.13 -11.72
CA GLY B 228 18.28 -21.96 -12.30
C GLY B 228 18.56 -20.88 -11.28
N LEU B 229 18.10 -21.06 -10.06
CA LEU B 229 18.33 -20.05 -9.03
C LEU B 229 19.75 -20.13 -8.58
N SER B 230 20.27 -19.03 -8.04
CA SER B 230 21.56 -19.05 -7.39
C SER B 230 21.55 -19.93 -6.15
N ASP B 231 22.72 -20.37 -5.73
CA ASP B 231 22.86 -21.14 -4.52
C ASP B 231 22.20 -20.45 -3.33
N GLU B 232 22.37 -19.13 -3.24
CA GLU B 232 21.86 -18.38 -2.12
C GLU B 232 20.35 -18.30 -2.18
N SER B 233 19.80 -18.03 -3.35
CA SER B 233 18.37 -18.05 -3.55
C SER B 233 17.75 -19.44 -3.24
N GLU B 234 18.38 -20.51 -3.69
CA GLU B 234 17.91 -21.89 -3.40
C GLU B 234 17.87 -22.14 -1.92
N GLN B 235 18.90 -21.68 -1.22
CA GLN B 235 18.93 -21.85 0.23
C GLN B 235 17.82 -21.12 0.91
N GLN B 236 17.58 -19.88 0.51
CA GLN B 236 16.48 -19.12 1.08
C GLN B 236 15.14 -19.81 0.83
N LEU B 237 14.97 -20.28 -0.40
CA LEU B 237 13.71 -20.87 -0.83
C LEU B 237 13.50 -22.15 -0.02
N ALA B 238 14.56 -22.96 0.10
CA ALA B 238 14.53 -24.21 0.87
C ALA B 238 14.12 -23.97 2.32
N ALA B 239 14.73 -22.99 2.96
CA ALA B 239 14.36 -22.63 4.32
C ALA B 239 12.94 -22.11 4.42
N LEU B 240 12.55 -21.32 3.43
CA LEU B 240 11.19 -20.83 3.39
C LEU B 240 10.15 -21.95 3.24
N ALA B 241 10.39 -22.85 2.33
CA ALA B 241 9.48 -23.97 2.08
C ALA B 241 9.29 -24.82 3.36
N LEU B 242 10.40 -25.15 4.00
CA LEU B 242 10.41 -25.89 5.25
C LEU B 242 9.62 -25.19 6.33
N GLN B 243 9.81 -23.89 6.53
CA GLN B 243 8.95 -23.15 7.44
C GLN B 243 7.49 -23.21 7.04
N ALA B 244 7.20 -23.17 5.74
CA ALA B 244 5.81 -23.14 5.34
C ALA B 244 5.12 -24.46 5.66
N TYR B 245 5.86 -25.52 5.42
CA TYR B 245 5.42 -26.88 5.67
C TYR B 245 5.20 -27.11 7.15
N HIS B 246 6.19 -26.79 7.97
CA HIS B 246 6.05 -26.95 9.45
C HIS B 246 5.00 -26.06 10.04
N ALA B 247 4.78 -24.89 9.45
CA ALA B 247 3.74 -23.98 9.94
C ALA B 247 2.38 -24.61 9.93
N LEU B 248 2.14 -25.47 8.97
CA LEU B 248 0.82 -26.08 8.83
C LEU B 248 0.78 -27.51 9.41
N ASP B 249 1.83 -27.89 10.09
CA ASP B 249 1.95 -29.18 10.85
C ASP B 249 2.05 -30.36 9.94
N CYS B 250 2.62 -30.16 8.74
CA CYS B 250 2.79 -31.28 7.81
C CYS B 250 3.89 -32.22 8.29
N SER B 251 3.84 -33.45 7.85
CA SER B 251 4.91 -34.41 8.13
C SER B 251 4.91 -35.45 7.07
N GLY B 252 5.93 -36.27 7.15
CA GLY B 252 6.14 -37.36 6.24
C GLY B 252 6.71 -36.83 4.92
N TRP B 253 5.84 -36.24 4.11
CA TRP B 253 6.30 -35.66 2.89
C TRP B 253 5.24 -34.76 2.30
N GLY B 254 5.62 -34.00 1.28
CA GLY B 254 4.69 -33.16 0.54
C GLY B 254 5.39 -32.21 -0.45
N ARG B 255 4.64 -31.31 -1.04
CA ARG B 255 5.21 -30.33 -1.92
C ARG B 255 4.78 -28.92 -1.57
N VAL B 256 5.70 -27.99 -1.53
CA VAL B 256 5.33 -26.59 -1.30
C VAL B 256 5.44 -25.81 -2.62
N ASP B 257 4.41 -25.09 -2.97
CA ASP B 257 4.40 -24.28 -4.20
C ASP B 257 4.62 -22.82 -3.82
N VAL B 258 5.55 -22.19 -4.52
CA VAL B 258 5.99 -20.86 -4.26
C VAL B 258 6.05 -20.10 -5.61
N MET B 259 5.86 -18.79 -5.54
CA MET B 259 5.91 -17.94 -6.72
C MET B 259 6.80 -16.71 -6.50
N GLN B 260 7.52 -16.30 -7.53
CA GLN B 260 8.23 -15.03 -7.47
C GLN B 260 7.36 -13.85 -7.95
N ASP B 261 7.57 -12.67 -7.38
CA ASP B 261 7.22 -11.41 -8.04
C ASP B 261 8.35 -10.93 -8.97
N ARG B 262 8.10 -9.81 -9.65
CA ARG B 262 9.04 -9.17 -10.63
C ARG B 262 10.41 -8.88 -9.98
N ASP B 263 10.43 -8.52 -8.70
CA ASP B 263 11.70 -8.25 -8.00
C ASP B 263 12.37 -9.45 -7.39
N GLY B 264 11.85 -10.64 -7.65
CA GLY B 264 12.54 -11.83 -7.17
C GLY B 264 12.16 -12.32 -5.78
N HIS B 265 11.21 -11.68 -5.11
CA HIS B 265 10.80 -12.14 -3.78
C HIS B 265 9.94 -13.36 -3.93
N PHE B 266 10.03 -14.27 -2.98
CA PHE B 266 9.19 -15.48 -3.01
C PHE B 266 7.91 -15.25 -2.23
N TYR B 267 6.82 -15.80 -2.72
CA TYR B 267 5.54 -15.78 -2.06
C TYR B 267 5.01 -17.22 -2.01
N LEU B 268 4.44 -17.61 -0.87
CA LEU B 268 3.91 -18.94 -0.68
C LEU B 268 2.57 -19.06 -1.30
N LEU B 269 2.32 -20.15 -1.98
CA LEU B 269 1.00 -20.40 -2.60
C LEU B 269 0.22 -21.47 -1.83
N GLU B 270 0.80 -22.64 -1.66
CA GLU B 270 0.04 -23.77 -1.15
C GLU B 270 0.93 -24.92 -0.86
N VAL B 271 0.43 -25.84 -0.09
CA VAL B 271 1.09 -27.09 0.23
C VAL B 271 0.22 -28.23 -0.16
N ASN B 272 0.79 -29.22 -0.84
CA ASN B 272 0.03 -30.35 -1.32
C ASN B 272 0.48 -31.51 -0.46
N THR B 273 -0.45 -32.13 0.20
CA THR B 273 -0.16 -33.21 1.12
C THR B 273 -0.34 -34.62 0.57
N SER B 274 -0.77 -34.81 -0.68
CA SER B 274 -0.50 -36.14 -1.40
C SER B 274 -0.07 -36.05 -2.89
N PRO B 275 1.16 -35.62 -3.14
CA PRO B 275 1.57 -35.30 -4.51
C PRO B 275 1.59 -36.50 -5.48
N GLY B 276 1.48 -36.16 -6.76
CA GLY B 276 1.64 -37.09 -7.84
C GLY B 276 2.91 -37.88 -7.78
N MET B 277 2.80 -39.17 -8.06
CA MET B 277 3.94 -40.07 -8.02
C MET B 277 4.06 -40.89 -9.32
N THR B 278 3.63 -40.33 -10.44
CA THR B 278 3.87 -41.01 -11.72
C THR B 278 5.30 -40.78 -12.09
N SER B 279 5.77 -41.58 -13.03
CA SER B 279 7.13 -41.49 -13.50
C SER B 279 7.40 -40.11 -14.07
N HIS B 280 6.36 -39.38 -14.46
CA HIS B 280 6.56 -38.01 -14.97
C HIS B 280 6.24 -36.90 -13.98
N SER B 281 5.94 -37.24 -12.72
CA SER B 281 5.57 -36.20 -11.72
C SER B 281 6.77 -35.39 -11.13
N LEU B 282 6.44 -34.33 -10.44
CA LEU B 282 7.40 -33.40 -9.87
C LEU B 282 8.22 -34.00 -8.71
N VAL B 283 7.58 -34.69 -7.76
CA VAL B 283 8.36 -35.18 -6.58
C VAL B 283 9.41 -36.20 -7.04
N PRO B 284 9.04 -37.15 -7.90
CA PRO B 284 10.06 -38.04 -8.48
C PRO B 284 11.19 -37.32 -9.24
N MET B 285 10.85 -36.22 -9.90
CA MET B 285 11.86 -35.46 -10.64
C MET B 285 12.84 -34.84 -9.68
N ALA B 286 12.34 -34.22 -8.61
CA ALA B 286 13.26 -33.61 -7.64
C ALA B 286 14.08 -34.70 -6.93
N ALA B 287 13.46 -35.83 -6.64
CA ALA B 287 14.16 -36.89 -5.92
C ALA B 287 15.33 -37.38 -6.80
N ARG B 288 15.04 -37.57 -8.08
CA ARG B 288 16.07 -38.08 -9.03
C ARG B 288 17.24 -37.14 -9.05
N GLN B 289 16.96 -35.85 -9.16
CA GLN B 289 18.04 -34.84 -9.04
C GLN B 289 18.80 -34.86 -7.71
N TYR B 290 18.12 -35.21 -6.62
CA TYR B 290 18.77 -35.32 -5.29
C TYR B 290 19.63 -36.56 -5.20
N GLY B 291 19.47 -37.46 -6.16
CA GLY B 291 20.27 -38.66 -6.18
C GLY B 291 19.52 -39.93 -5.73
N LEU B 292 18.19 -39.88 -5.57
CA LEU B 292 17.43 -41.05 -5.25
C LEU B 292 16.74 -41.65 -6.47
N SER B 293 16.72 -42.97 -6.52
CA SER B 293 15.86 -43.65 -7.44
C SER B 293 14.43 -43.54 -6.91
N PHE B 294 13.47 -43.80 -7.78
CA PHE B 294 12.10 -43.75 -7.42
C PHE B 294 11.81 -44.78 -6.30
N SER B 295 12.42 -45.96 -6.42
CA SER B 295 12.25 -47.01 -5.41
C SER B 295 12.76 -46.53 -4.02
N GLN B 296 13.90 -45.88 -3.98
CA GLN B 296 14.40 -45.28 -2.76
C GLN B 296 13.47 -44.23 -2.16
N LEU B 297 12.86 -43.44 -3.04
CA LEU B 297 11.95 -42.41 -2.62
C LEU B 297 10.77 -42.94 -1.87
N VAL B 298 10.10 -43.90 -2.50
CA VAL B 298 8.94 -44.46 -1.90
C VAL B 298 9.27 -45.26 -0.62
N ALA B 299 10.41 -45.91 -0.56
CA ALA B 299 10.80 -46.66 0.64
C ALA B 299 11.04 -45.65 1.77
N ARG B 300 11.61 -44.49 1.44
CA ARG B 300 11.79 -43.43 2.44
C ARG B 300 10.50 -42.88 2.96
N ILE B 301 9.57 -42.64 2.06
CA ILE B 301 8.30 -42.12 2.48
C ILE B 301 7.60 -43.10 3.45
N LEU B 302 7.67 -44.39 3.12
CA LEU B 302 7.05 -45.43 3.94
C LEU B 302 7.72 -45.55 5.30
N MET B 303 9.03 -45.43 5.33
CA MET B 303 9.74 -45.52 6.56
C MET B 303 9.30 -44.40 7.54
N LEU B 304 8.90 -43.24 7.00
CA LEU B 304 8.51 -42.11 7.82
C LEU B 304 7.12 -42.29 8.44
N ALA B 305 6.45 -43.36 8.06
CA ALA B 305 5.18 -43.71 8.65
C ALA B 305 5.39 -44.71 9.76
N ASP B 306 4.99 -44.35 10.97
CA ASP B 306 5.19 -45.22 12.13
C ASP B 306 4.00 -45.06 13.08
N MET C 1 24.41 18.50 19.41
CA MET C 1 25.25 18.94 18.24
C MET C 1 25.05 18.05 16.99
N ALA C 2 24.99 16.71 17.08
CA ALA C 2 24.73 15.93 15.87
C ALA C 2 23.31 16.21 15.38
N GLU C 3 23.12 16.16 14.06
CA GLU C 3 21.87 16.62 13.44
C GLU C 3 20.77 15.61 13.65
N LYS C 4 19.59 16.10 13.98
CA LYS C 4 18.43 15.23 14.10
C LYS C 4 17.66 15.39 12.82
N VAL C 5 17.38 14.28 12.18
CA VAL C 5 16.81 14.30 10.82
C VAL C 5 15.42 13.67 10.89
N ALA C 6 14.45 14.43 10.44
CA ALA C 6 13.09 13.98 10.30
C ALA C 6 12.87 13.40 8.90
N VAL C 7 12.44 12.14 8.86
CA VAL C 7 11.91 11.52 7.65
C VAL C 7 10.37 11.68 7.61
N LEU C 8 9.89 12.61 6.78
CA LEU C 8 8.47 12.83 6.58
C LEU C 8 7.93 11.75 5.68
N LEU C 9 6.93 11.07 6.17
CA LEU C 9 6.35 9.91 5.50
C LEU C 9 4.83 9.80 5.72
N GLY C 10 4.25 8.98 4.88
CA GLY C 10 2.80 8.81 4.90
C GLY C 10 1.95 9.96 4.41
N GLY C 11 1.60 10.87 5.30
CA GLY C 11 0.72 11.98 4.95
C GLY C 11 -0.70 11.58 4.59
N THR C 12 -1.36 12.47 3.89
CA THR C 12 -2.77 12.30 3.57
C THR C 12 -3.10 12.23 2.11
N SER C 13 -2.13 12.04 1.25
CA SER C 13 -2.46 12.06 -0.16
C SER C 13 -2.82 10.66 -0.60
N ALA C 14 -3.32 10.55 -1.80
CA ALA C 14 -3.65 9.25 -2.40
C ALA C 14 -2.51 8.26 -2.37
N GLU C 15 -1.28 8.77 -2.38
CA GLU C 15 -0.11 7.92 -2.41
C GLU C 15 0.41 7.57 -0.97
N ARG C 16 -0.41 7.80 0.06
CA ARG C 16 0.00 7.50 1.41
C ARG C 16 0.66 6.16 1.62
N GLU C 17 0.08 5.10 1.07
CA GLU C 17 0.55 3.77 1.37
C GLU C 17 1.94 3.56 0.80
N VAL C 18 2.19 4.10 -0.38
CA VAL C 18 3.53 4.03 -0.96
C VAL C 18 4.52 4.85 -0.12
N SER C 19 4.10 6.03 0.34
CA SER C 19 4.98 6.91 1.06
C SER C 19 5.37 6.28 2.45
N LEU C 20 4.45 5.53 3.08
CA LEU C 20 4.83 4.76 4.28
C LEU C 20 5.96 3.82 4.00
N LEU C 21 5.89 3.14 2.88
CA LEU C 21 6.97 2.24 2.51
C LEU C 21 8.27 2.98 2.13
N SER C 22 8.15 4.07 1.39
CA SER C 22 9.36 4.84 1.03
C SER C 22 10.04 5.26 2.34
N GLY C 23 9.23 5.80 3.23
CA GLY C 23 9.71 6.35 4.49
C GLY C 23 10.38 5.30 5.34
N GLN C 24 9.77 4.12 5.39
CA GLN C 24 10.31 3.04 6.16
C GLN C 24 11.67 2.61 5.62
N ALA C 25 11.79 2.58 4.30
CA ALA C 25 13.04 2.13 3.74
C ALA C 25 14.12 3.21 3.98
N VAL C 26 13.77 4.46 3.77
CA VAL C 26 14.70 5.54 3.92
C VAL C 26 15.19 5.49 5.34
N LEU C 27 14.26 5.40 6.28
CA LEU C 27 14.62 5.38 7.71
C LEU C 27 15.67 4.31 7.99
N ALA C 28 15.52 3.13 7.41
CA ALA C 28 16.46 2.01 7.64
C ALA C 28 17.78 2.22 6.93
N GLY C 29 17.72 2.84 5.75
CA GLY C 29 18.90 3.25 5.06
C GLY C 29 19.69 4.28 5.87
N LEU C 30 19.04 5.30 6.37
CA LEU C 30 19.73 6.38 7.09
C LEU C 30 20.36 5.84 8.41
N LYS C 31 19.70 4.88 9.03
CA LYS C 31 20.23 4.22 10.24
C LYS C 31 21.47 3.43 9.98
N GLU C 32 21.44 2.69 8.91
CA GLU C 32 22.58 1.98 8.42
C GLU C 32 23.81 2.86 8.20
N ALA C 33 23.59 4.11 7.79
CA ALA C 33 24.66 5.11 7.64
C ALA C 33 24.98 5.91 8.91
N GLY C 34 24.31 5.62 10.02
CA GLY C 34 24.62 6.22 11.30
C GLY C 34 23.96 7.57 11.52
N ILE C 35 22.95 7.88 10.73
CA ILE C 35 22.31 9.21 10.79
C ILE C 35 21.21 9.13 11.82
N ASP C 36 21.11 10.15 12.66
CA ASP C 36 20.15 10.17 13.74
C ASP C 36 18.78 10.57 13.20
N ALA C 37 18.09 9.59 12.64
CA ALA C 37 16.87 9.87 11.89
C ALA C 37 15.65 9.37 12.62
N TYR C 38 14.55 10.12 12.48
CA TYR C 38 13.27 9.73 13.09
C TYR C 38 12.14 9.81 12.05
N GLY C 39 11.31 8.77 12.07
CA GLY C 39 10.12 8.71 11.27
C GLY C 39 9.05 9.66 11.79
N VAL C 40 8.50 10.48 10.89
CA VAL C 40 7.44 11.41 11.22
C VAL C 40 6.31 11.30 10.19
N ASP C 41 5.23 10.65 10.61
CA ASP C 41 4.02 10.47 9.83
C ASP C 41 3.24 11.77 9.90
N THR C 42 3.16 12.47 8.79
CA THR C 42 2.64 13.83 8.80
C THR C 42 1.13 13.86 8.84
N LYS C 43 0.47 12.73 8.62
CA LYS C 43 -0.95 12.62 9.00
C LYS C 43 -1.22 12.99 10.48
N ASP C 44 -0.30 12.67 11.38
CA ASP C 44 -0.51 12.85 12.83
C ASP C 44 0.32 13.97 13.44
N PHE C 45 1.35 14.37 12.74
CA PHE C 45 2.23 15.42 13.24
C PHE C 45 2.27 16.54 12.21
N PRO C 46 2.01 17.77 12.66
CA PRO C 46 2.02 18.90 11.75
C PRO C 46 3.43 19.34 11.45
N VAL C 47 3.74 19.44 10.17
CA VAL C 47 5.04 19.83 9.73
C VAL C 47 5.46 21.23 10.23
N THR C 48 4.50 22.07 10.60
CA THR C 48 4.81 23.40 11.12
C THR C 48 5.50 23.38 12.48
N GLN C 49 5.55 22.22 13.13
CA GLN C 49 6.22 22.09 14.40
C GLN C 49 7.55 21.32 14.36
N LEU C 50 8.08 21.06 13.16
CA LEU C 50 9.32 20.28 13.06
C LEU C 50 10.47 20.96 13.75
N LYS C 51 10.58 22.28 13.60
CA LYS C 51 11.65 23.03 14.27
C LYS C 51 11.47 23.07 15.78
N GLU C 52 10.25 23.30 16.25
CA GLU C 52 9.99 23.27 17.70
C GLU C 52 10.34 21.91 18.29
N GLN C 53 10.10 20.84 17.55
CA GLN C 53 10.36 19.48 18.03
C GLN C 53 11.89 19.14 18.08
N GLY C 54 12.75 20.04 17.56
CA GLY C 54 14.20 19.85 17.64
C GLY C 54 14.88 19.35 16.38
N PHE C 55 14.15 19.19 15.28
CA PHE C 55 14.79 18.70 14.05
C PHE C 55 15.64 19.77 13.41
N ASP C 56 16.77 19.35 12.89
CA ASP C 56 17.70 20.22 12.22
C ASP C 56 17.62 20.10 10.69
N LYS C 57 17.09 18.97 10.21
CA LYS C 57 17.12 18.64 8.79
C LYS C 57 16.00 17.66 8.44
N VAL C 58 15.51 17.77 7.21
CA VAL C 58 14.34 17.03 6.76
C VAL C 58 14.54 16.22 5.48
N PHE C 59 14.28 14.95 5.56
CA PHE C 59 14.25 14.11 4.39
C PHE C 59 12.79 13.93 3.98
N ILE C 60 12.48 14.33 2.74
CA ILE C 60 11.10 14.29 2.26
C ILE C 60 10.89 12.96 1.52
N ALA C 61 10.06 12.11 2.13
CA ALA C 61 9.67 10.89 1.51
C ALA C 61 8.13 10.81 1.32
N LEU C 62 7.45 11.95 1.31
CA LEU C 62 6.03 12.04 0.93
C LEU C 62 5.92 12.14 -0.62
N HIS C 63 4.77 11.77 -1.17
CA HIS C 63 4.53 11.79 -2.61
C HIS C 63 3.17 12.45 -2.87
N GLY C 64 3.02 13.10 -4.01
CA GLY C 64 1.76 13.72 -4.33
C GLY C 64 1.46 15.02 -3.55
N ARG C 65 0.19 15.34 -3.52
CA ARG C 65 -0.29 16.61 -2.99
C ARG C 65 0.26 16.77 -1.59
N GLY C 66 0.76 17.97 -1.26
CA GLY C 66 1.33 18.27 0.05
C GLY C 66 2.71 17.63 0.28
N GLY C 67 3.30 17.02 -0.74
CA GLY C 67 4.62 16.49 -0.62
C GLY C 67 5.61 16.98 -1.64
N GLU C 68 5.18 17.02 -2.90
CA GLU C 68 6.09 17.27 -4.01
C GLU C 68 5.66 18.46 -4.89
N ASP C 69 4.74 19.24 -4.34
CA ASP C 69 4.06 20.30 -5.07
C ASP C 69 4.41 21.72 -4.58
N GLY C 70 5.35 21.85 -3.67
CA GLY C 70 5.79 23.19 -3.27
C GLY C 70 5.26 23.67 -1.93
N THR C 71 4.16 23.07 -1.47
CA THR C 71 3.51 23.58 -0.31
C THR C 71 4.36 23.25 0.87
N LEU C 72 4.74 22.00 0.98
CA LEU C 72 5.64 21.55 2.05
C LEU C 72 6.99 22.26 2.02
N GLN C 73 7.52 22.46 0.83
CA GLN C 73 8.77 23.09 0.67
C GLN C 73 8.71 24.56 1.21
N GLY C 74 7.59 25.23 1.00
CA GLY C 74 7.37 26.54 1.53
C GLY C 74 7.38 26.57 3.06
N VAL C 75 6.70 25.63 3.68
CA VAL C 75 6.72 25.52 5.12
C VAL C 75 8.19 25.42 5.61
N LEU C 76 8.96 24.56 4.95
CA LEU C 76 10.30 24.28 5.39
C LEU C 76 11.21 25.48 5.17
N GLU C 77 11.03 26.20 4.08
CA GLU C 77 11.77 27.42 3.86
C GLU C 77 11.43 28.41 4.97
N PHE C 78 10.15 28.53 5.30
CA PHE C 78 9.73 29.45 6.34
C PHE C 78 10.41 29.09 7.67
N LEU C 79 10.43 27.82 8.00
CA LEU C 79 11.06 27.36 9.20
C LEU C 79 12.59 27.42 9.15
N GLN C 80 13.12 27.65 7.96
CA GLN C 80 14.56 27.67 7.72
C GLN C 80 15.24 26.30 7.98
N LEU C 81 14.54 25.20 7.71
CA LEU C 81 15.14 23.88 7.80
C LEU C 81 15.62 23.39 6.43
N PRO C 82 16.84 22.94 6.36
CA PRO C 82 17.24 22.29 5.12
C PRO C 82 16.47 20.97 4.87
N TYR C 83 16.23 20.69 3.60
CA TYR C 83 15.40 19.61 3.19
C TYR C 83 15.86 19.09 1.83
N THR C 84 15.52 17.85 1.60
CA THR C 84 15.96 17.15 0.44
C THR C 84 15.06 17.49 -0.77
N GLY C 85 15.58 17.25 -1.95
CA GLY C 85 14.89 17.52 -3.18
C GLY C 85 14.83 18.96 -3.54
N SER C 86 13.96 19.28 -4.51
CA SER C 86 13.91 20.61 -5.11
C SER C 86 13.23 21.66 -4.23
N GLY C 87 13.48 22.93 -4.54
CA GLY C 87 12.83 24.02 -3.88
C GLY C 87 11.40 24.28 -4.28
N VAL C 88 10.88 25.40 -3.81
CA VAL C 88 9.46 25.70 -3.96
C VAL C 88 9.03 25.81 -5.44
N MET C 89 9.78 26.59 -6.20
CA MET C 89 9.39 26.99 -7.52
C MET C 89 9.41 25.70 -8.35
N ALA C 90 10.50 24.94 -8.30
CA ALA C 90 10.62 23.77 -9.09
C ALA C 90 9.62 22.67 -8.69
N SER C 91 9.42 22.49 -7.39
CA SER C 91 8.45 21.49 -6.92
C SER C 91 7.06 21.73 -7.48
N ALA C 92 6.64 23.01 -7.42
CA ALA C 92 5.35 23.41 -7.91
C ALA C 92 5.25 23.51 -9.42
N LEU C 93 6.27 24.01 -10.06
CA LEU C 93 6.26 24.10 -11.50
C LEU C 93 6.15 22.72 -12.16
N THR C 94 6.83 21.71 -11.60
CA THR C 94 6.79 20.38 -12.14
C THR C 94 5.42 19.70 -12.06
N MET C 95 4.48 20.25 -11.30
CA MET C 95 3.15 19.72 -11.21
C MET C 95 2.30 20.27 -12.34
N ASP C 96 2.71 21.39 -12.91
CA ASP C 96 1.92 22.08 -13.94
C ASP C 96 2.48 21.59 -15.27
N LYS C 97 1.82 20.66 -15.91
CA LYS C 97 2.36 20.06 -17.13
C LYS C 97 2.35 21.05 -18.28
N LEU C 98 1.38 21.97 -18.30
CA LEU C 98 1.38 23.04 -19.30
C LEU C 98 2.60 23.92 -19.20
N ARG C 99 2.85 24.46 -18.02
CA ARG C 99 3.98 25.39 -17.88
C ARG C 99 5.33 24.73 -17.94
N THR C 100 5.41 23.50 -17.46
CA THR C 100 6.58 22.68 -17.70
C THR C 100 6.87 22.64 -19.23
N LYS C 101 5.87 22.31 -20.02
CA LYS C 101 6.04 22.18 -21.48
C LYS C 101 6.44 23.54 -22.10
N LEU C 102 5.85 24.61 -21.64
CA LEU C 102 6.18 25.94 -22.17
C LEU C 102 7.62 26.29 -21.90
N VAL C 103 8.12 26.00 -20.71
CA VAL C 103 9.51 26.35 -20.44
C VAL C 103 10.44 25.51 -21.32
N TRP C 104 10.18 24.21 -21.42
CA TRP C 104 11.01 23.35 -22.23
C TRP C 104 10.99 23.79 -23.71
N GLN C 105 9.81 24.11 -24.20
CA GLN C 105 9.60 24.48 -25.58
C GLN C 105 10.38 25.77 -25.93
N ALA C 106 10.37 26.74 -25.02
CA ALA C 106 11.07 27.99 -25.26
C ALA C 106 12.59 27.80 -25.29
N LEU C 107 13.08 26.79 -24.57
CA LEU C 107 14.48 26.46 -24.59
C LEU C 107 14.83 25.55 -25.79
N GLY C 108 13.88 25.25 -26.67
CA GLY C 108 14.18 24.42 -27.84
C GLY C 108 14.33 22.95 -27.48
N LEU C 109 13.78 22.50 -26.37
CA LEU C 109 13.93 21.08 -25.97
C LEU C 109 12.75 20.31 -26.52
N PRO C 110 12.91 19.03 -26.80
CA PRO C 110 11.89 18.31 -27.59
C PRO C 110 10.70 17.87 -26.77
N ILE C 111 9.51 18.27 -27.20
CA ILE C 111 8.28 17.81 -26.61
C ILE C 111 7.29 17.44 -27.71
N SER C 112 6.33 16.61 -27.37
CA SER C 112 5.40 16.09 -28.35
C SER C 112 4.40 17.16 -28.73
N PRO C 113 4.01 17.20 -30.01
CA PRO C 113 2.98 18.20 -30.39
C PRO C 113 1.73 18.14 -29.52
N TYR C 114 1.14 19.29 -29.29
CA TYR C 114 0.02 19.34 -28.38
C TYR C 114 -0.75 20.63 -28.55
N VAL C 115 -1.95 20.62 -28.00
CA VAL C 115 -2.81 21.77 -27.89
C VAL C 115 -3.27 21.85 -26.44
N ALA C 116 -3.28 23.07 -25.92
CA ALA C 116 -3.79 23.38 -24.60
C ALA C 116 -5.13 24.04 -24.73
N LEU C 117 -6.04 23.74 -23.80
CA LEU C 117 -7.37 24.33 -23.77
C LEU C 117 -7.73 24.72 -22.36
N ASN C 118 -8.29 25.92 -22.19
CA ASN C 118 -8.84 26.33 -20.90
C ASN C 118 -10.35 26.18 -20.88
N ARG C 119 -10.93 26.38 -19.70
CA ARG C 119 -12.37 26.24 -19.48
C ARG C 119 -13.22 27.18 -20.33
N GLN C 120 -12.80 28.42 -20.47
CA GLN C 120 -13.50 29.38 -21.30
C GLN C 120 -13.58 28.95 -22.77
N GLN C 121 -12.50 28.38 -23.32
CA GLN C 121 -12.55 27.88 -24.69
C GLN C 121 -13.45 26.65 -24.79
N PHE C 122 -13.40 25.77 -23.79
CA PHE C 122 -14.28 24.60 -23.74
C PHE C 122 -15.77 24.96 -23.74
N GLU C 123 -16.15 25.96 -22.96
CA GLU C 123 -17.54 26.45 -22.89
C GLU C 123 -17.93 27.25 -24.13
N THR C 124 -16.99 27.97 -24.71
CA THR C 124 -17.20 28.75 -25.94
C THR C 124 -17.40 27.91 -27.21
N LEU C 125 -16.71 26.79 -27.33
CA LEU C 125 -16.57 26.13 -28.64
C LEU C 125 -17.36 24.84 -28.77
N SER C 126 -17.83 24.62 -29.99
CA SER C 126 -18.64 23.47 -30.33
C SER C 126 -17.74 22.29 -30.48
N PRO C 127 -18.29 21.09 -30.25
CA PRO C 127 -17.53 19.84 -30.41
C PRO C 127 -16.78 19.74 -31.74
N GLU C 128 -17.37 20.27 -32.81
CA GLU C 128 -16.78 20.22 -34.16
C GLU C 128 -15.64 21.21 -34.28
N GLU C 129 -15.78 22.36 -33.62
CA GLU C 129 -14.66 23.32 -33.56
C GLU C 129 -13.45 22.74 -32.78
N LEU C 130 -13.73 22.02 -31.71
CA LEU C 130 -12.69 21.39 -30.90
C LEU C 130 -11.96 20.34 -31.69
N VAL C 131 -12.73 19.48 -32.37
CA VAL C 131 -12.13 18.54 -33.33
C VAL C 131 -11.24 19.24 -34.34
N ALA C 132 -11.64 20.38 -34.85
CA ALA C 132 -10.76 21.09 -35.82
C ALA C 132 -9.53 21.68 -35.14
N CYS C 133 -9.67 22.16 -33.90
CA CYS C 133 -8.52 22.66 -33.11
C CYS C 133 -7.37 21.66 -33.02
N VAL C 134 -7.74 20.39 -32.90
CA VAL C 134 -6.74 19.35 -32.72
C VAL C 134 -6.47 18.49 -33.95
N ALA C 135 -7.05 18.83 -35.10
CA ALA C 135 -6.95 17.97 -36.29
C ALA C 135 -5.51 17.74 -36.71
N LYS C 136 -4.69 18.78 -36.56
CA LYS C 136 -3.26 18.70 -36.96
C LYS C 136 -2.44 17.70 -36.10
N LEU C 137 -2.97 17.28 -34.96
CA LEU C 137 -2.31 16.31 -34.11
C LEU C 137 -2.53 14.87 -34.59
N GLY C 138 -3.50 14.65 -35.49
CA GLY C 138 -3.81 13.30 -35.99
C GLY C 138 -4.51 12.47 -34.91
N LEU C 139 -4.50 11.16 -35.11
CA LEU C 139 -5.09 10.22 -34.18
C LEU C 139 -4.16 9.04 -34.04
N PRO C 140 -4.19 8.36 -32.90
CA PRO C 140 -4.98 8.68 -31.73
C PRO C 140 -4.37 9.88 -30.96
N LEU C 141 -5.07 10.29 -29.88
CA LEU C 141 -4.71 11.41 -29.04
C LEU C 141 -4.76 11.06 -27.56
N ILE C 142 -3.95 11.73 -26.77
CA ILE C 142 -4.02 11.63 -25.35
C ILE C 142 -4.57 12.93 -24.85
N VAL C 143 -5.61 12.82 -24.02
CA VAL C 143 -6.24 13.92 -23.39
C VAL C 143 -6.04 13.82 -21.89
N LYS C 144 -5.59 14.90 -21.29
CA LYS C 144 -5.30 14.92 -19.85
C LYS C 144 -5.34 16.29 -19.21
N PRO C 145 -5.71 16.30 -17.93
CA PRO C 145 -5.65 17.53 -17.18
C PRO C 145 -4.21 18.06 -17.10
N SER C 146 -4.05 19.38 -17.01
CA SER C 146 -2.73 19.96 -16.89
C SER C 146 -2.03 19.66 -15.57
N HIS C 147 -2.76 19.54 -14.49
CA HIS C 147 -2.20 19.19 -13.19
C HIS C 147 -2.51 17.76 -12.89
N GLU C 148 -1.53 16.97 -12.44
CA GLU C 148 -1.90 15.60 -12.12
C GLU C 148 -2.05 15.54 -10.62
N GLY C 149 -3.25 15.14 -10.20
CA GLY C 149 -3.44 14.55 -8.89
C GLY C 149 -3.56 13.07 -9.19
N SER C 150 -2.44 12.34 -9.12
CA SER C 150 -2.41 10.84 -9.12
C SER C 150 -3.09 10.14 -10.35
N SER C 151 -2.95 10.76 -11.52
CA SER C 151 -3.18 10.13 -12.87
C SER C 151 -4.65 10.03 -13.34
N VAL C 152 -5.55 10.66 -12.59
CA VAL C 152 -6.98 10.63 -12.92
C VAL C 152 -7.34 11.54 -14.08
N GLY C 153 -8.47 11.26 -14.71
CA GLY C 153 -8.98 12.05 -15.88
C GLY C 153 -8.28 11.99 -17.24
N MET C 154 -7.44 10.98 -17.45
CA MET C 154 -6.71 10.81 -18.69
C MET C 154 -7.46 9.85 -19.62
N SER C 155 -7.46 10.12 -20.93
CA SER C 155 -8.04 9.22 -21.90
C SER C 155 -7.25 9.13 -23.19
N LYS C 156 -7.29 7.96 -23.80
CA LYS C 156 -6.88 7.77 -25.17
C LYS C 156 -8.09 7.99 -26.06
N VAL C 157 -7.94 8.84 -27.04
CA VAL C 157 -9.03 9.14 -27.97
C VAL C 157 -8.65 8.52 -29.32
N ASP C 158 -9.44 7.56 -29.75
CA ASP C 158 -9.16 6.79 -30.99
C ASP C 158 -9.82 7.40 -32.23
N HIS C 159 -10.99 8.02 -32.06
CA HIS C 159 -11.75 8.68 -33.13
C HIS C 159 -12.21 10.06 -32.69
N ALA C 160 -12.26 11.00 -33.64
CA ALA C 160 -12.72 12.37 -33.41
C ALA C 160 -13.98 12.45 -32.59
N SER C 161 -14.90 11.51 -32.81
CA SER C 161 -16.16 11.56 -32.14
C SER C 161 -15.99 11.36 -30.61
N GLU C 162 -14.88 10.75 -30.18
CA GLU C 162 -14.67 10.41 -28.76
C GLU C 162 -14.06 11.57 -27.99
N LEU C 163 -13.65 12.62 -28.70
CA LEU C 163 -12.92 13.76 -28.09
C LEU C 163 -13.72 14.47 -27.00
N GLN C 164 -14.99 14.73 -27.30
CA GLN C 164 -15.84 15.51 -26.44
C GLN C 164 -15.95 14.84 -25.08
N LYS C 165 -16.28 13.55 -25.06
CA LYS C 165 -16.40 12.82 -23.81
C LYS C 165 -15.08 12.88 -22.99
N ALA C 166 -13.94 12.78 -23.68
CA ALA C 166 -12.68 12.80 -22.99
C ALA C 166 -12.37 14.23 -22.43
N LEU C 167 -12.83 15.27 -23.13
CA LEU C 167 -12.65 16.62 -22.68
C LEU C 167 -13.53 16.91 -21.49
N VAL C 168 -14.77 16.40 -21.49
CA VAL C 168 -15.65 16.55 -20.34
C VAL C 168 -15.03 15.95 -19.11
N GLU C 169 -14.53 14.71 -19.23
CA GLU C 169 -13.94 14.02 -18.10
C GLU C 169 -12.70 14.77 -17.56
N ALA C 170 -11.85 15.28 -18.46
CA ALA C 170 -10.65 15.97 -18.04
C ALA C 170 -11.01 17.29 -17.34
N PHE C 171 -12.00 18.01 -17.85
CA PHE C 171 -12.42 19.25 -17.22
C PHE C 171 -13.20 19.07 -15.90
N GLN C 172 -13.44 17.84 -15.46
CA GLN C 172 -13.92 17.61 -14.12
C GLN C 172 -12.87 18.06 -13.12
N HIS C 173 -11.60 17.76 -13.43
CA HIS C 173 -10.47 17.86 -12.50
C HIS C 173 -9.58 19.09 -12.64
N ASP C 174 -9.82 19.95 -13.62
CA ASP C 174 -8.91 21.04 -13.89
C ASP C 174 -9.51 21.99 -14.86
N SER C 175 -9.01 23.21 -14.89
CA SER C 175 -9.50 24.21 -15.80
C SER C 175 -8.58 24.36 -17.00
N ASP C 176 -7.48 23.64 -16.99
CA ASP C 176 -6.58 23.58 -18.13
C ASP C 176 -6.38 22.11 -18.53
N VAL C 177 -6.44 21.85 -19.84
CA VAL C 177 -6.38 20.51 -20.37
C VAL C 177 -5.44 20.45 -21.56
N LEU C 178 -4.71 19.35 -21.66
CA LEU C 178 -3.75 19.11 -22.73
C LEU C 178 -4.24 17.98 -23.62
N ILE C 179 -4.14 18.22 -24.92
CA ILE C 179 -4.40 17.22 -25.94
C ILE C 179 -3.12 16.99 -26.69
N GLU C 180 -2.60 15.78 -26.61
CA GLU C 180 -1.31 15.49 -27.15
C GLU C 180 -1.36 14.40 -28.16
N LYS C 181 -0.43 14.49 -29.08
CA LYS C 181 -0.29 13.48 -30.11
C LYS C 181 0.25 12.21 -29.49
N TRP C 182 -0.31 11.07 -29.89
CA TRP C 182 0.10 9.77 -29.30
C TRP C 182 1.51 9.43 -29.80
N LEU C 183 2.38 8.97 -28.89
CA LEU C 183 3.76 8.54 -29.26
C LEU C 183 3.85 7.04 -29.00
N SER C 184 4.60 6.36 -29.85
CA SER C 184 4.66 4.92 -29.95
C SER C 184 5.42 4.30 -28.79
N GLY C 185 6.35 5.03 -28.22
CA GLY C 185 7.09 4.55 -27.07
C GLY C 185 8.35 3.87 -27.55
N PRO C 186 9.07 3.24 -26.64
CA PRO C 186 8.74 3.12 -25.23
C PRO C 186 9.12 4.32 -24.37
N GLU C 187 8.73 4.23 -23.11
CA GLU C 187 9.00 5.22 -22.10
C GLU C 187 10.27 4.85 -21.33
N PHE C 188 11.02 5.88 -20.95
CA PHE C 188 12.19 5.78 -20.12
C PHE C 188 12.13 6.77 -18.99
N THR C 189 12.88 6.48 -17.92
CA THR C 189 13.05 7.42 -16.84
C THR C 189 14.48 7.46 -16.43
N VAL C 190 14.91 8.66 -16.08
CA VAL C 190 16.28 8.96 -15.84
C VAL C 190 16.36 9.63 -14.50
N ALA C 191 17.01 8.98 -13.56
CA ALA C 191 17.17 9.53 -12.22
C ALA C 191 18.38 10.46 -12.20
N ILE C 192 18.26 11.54 -11.44
CA ILE C 192 19.35 12.47 -11.28
C ILE C 192 19.63 12.68 -9.82
N LEU C 193 20.90 12.58 -9.47
CA LEU C 193 21.34 12.72 -8.09
C LEU C 193 22.41 13.78 -8.02
N GLY C 194 22.10 14.91 -7.43
CA GLY C 194 23.02 16.05 -7.50
C GLY C 194 23.29 16.39 -8.99
N ASP C 195 24.53 16.29 -9.39
CA ASP C 195 24.86 16.60 -10.78
C ASP C 195 25.05 15.35 -11.61
N GLU C 196 24.94 14.20 -10.95
CA GLU C 196 25.14 12.92 -11.61
C GLU C 196 23.83 12.33 -12.20
N VAL C 197 23.89 11.94 -13.47
CA VAL C 197 22.81 11.27 -14.15
C VAL C 197 23.01 9.81 -13.90
N LEU C 198 21.97 9.10 -13.43
CA LEU C 198 22.08 7.66 -13.28
C LEU C 198 21.60 6.94 -14.56
N PRO C 199 21.79 5.60 -14.63
CA PRO C 199 21.39 4.79 -15.79
C PRO C 199 19.90 4.77 -15.99
N SER C 200 19.48 5.03 -17.23
CA SER C 200 18.13 5.06 -17.57
C SER C 200 17.46 3.69 -17.33
N ILE C 201 16.16 3.74 -17.23
CA ILE C 201 15.35 2.53 -17.07
C ILE C 201 14.23 2.58 -18.11
N ARG C 202 14.01 1.47 -18.80
CA ARG C 202 12.94 1.36 -19.75
C ARG C 202 11.73 0.80 -19.01
N ILE C 203 10.55 1.39 -19.29
CA ILE C 203 9.31 1.05 -18.63
C ILE C 203 8.31 0.51 -19.66
N GLN C 204 7.73 -0.65 -19.32
CA GLN C 204 6.78 -1.39 -20.17
C GLN C 204 5.52 -1.51 -19.29
N PRO C 205 4.62 -0.56 -19.42
CA PRO C 205 3.41 -0.63 -18.60
C PRO C 205 2.42 -1.74 -19.04
N PRO C 206 1.58 -2.26 -18.10
CA PRO C 206 0.64 -3.36 -18.40
C PRO C 206 -0.43 -2.92 -19.39
N GLY C 207 -0.94 -1.70 -19.23
CA GLY C 207 -1.97 -1.18 -20.12
C GLY C 207 -1.54 0.09 -20.83
N VAL C 208 -2.49 0.99 -21.11
CA VAL C 208 -2.20 2.09 -22.03
C VAL C 208 -1.27 3.12 -21.42
N PHE C 209 -1.45 3.47 -20.13
CA PHE C 209 -0.70 4.56 -19.50
C PHE C 209 0.15 4.07 -18.31
N TYR C 210 1.23 4.79 -18.04
CA TYR C 210 2.00 4.56 -16.86
C TYR C 210 1.33 5.34 -15.75
N ASP C 211 0.25 4.78 -15.23
CA ASP C 211 -0.56 5.45 -14.26
C ASP C 211 -0.34 4.90 -12.83
N TYR C 212 -1.21 5.31 -11.91
CA TYR C 212 -1.21 4.90 -10.49
C TYR C 212 -1.02 3.41 -10.32
N ASP C 213 -1.91 2.64 -10.95
CA ASP C 213 -1.91 1.18 -10.88
C ASP C 213 -0.60 0.69 -11.36
N ALA C 214 -0.19 1.20 -12.54
CA ALA C 214 1.07 0.73 -13.13
C ALA C 214 2.24 0.93 -12.23
N LYS C 215 2.27 2.10 -11.56
CA LYS C 215 3.45 2.51 -10.77
C LYS C 215 3.54 1.78 -9.45
N TYR C 216 2.39 1.65 -8.81
CA TYR C 216 2.31 1.43 -7.41
C TYR C 216 1.63 0.11 -7.00
N LEU C 217 0.76 -0.40 -7.86
CA LEU C 217 -0.14 -1.46 -7.47
C LEU C 217 0.11 -2.80 -8.18
N SER C 218 0.44 -2.79 -9.48
CA SER C 218 0.57 -3.98 -10.28
C SER C 218 1.96 -4.54 -10.39
N ASP C 219 2.02 -5.86 -10.36
CA ASP C 219 3.26 -6.58 -10.61
C ASP C 219 3.43 -6.91 -12.08
N LYS C 220 2.53 -6.48 -12.93
CA LYS C 220 2.71 -6.78 -14.36
C LYS C 220 3.56 -5.72 -15.06
N THR C 221 3.68 -4.54 -14.47
CA THR C 221 4.58 -3.56 -15.03
C THR C 221 5.98 -4.13 -15.06
N GLN C 222 6.69 -3.91 -16.13
CA GLN C 222 8.05 -4.36 -16.25
C GLN C 222 9.08 -3.19 -16.42
N TYR C 223 10.22 -3.31 -15.78
CA TYR C 223 11.27 -2.33 -15.78
C TYR C 223 12.52 -3.01 -16.31
N PHE C 224 13.29 -2.32 -17.17
CA PHE C 224 14.56 -2.86 -17.61
C PHE C 224 15.70 -1.89 -17.39
N CYS C 225 16.72 -2.32 -16.65
CA CYS C 225 17.90 -1.52 -16.36
C CYS C 225 19.05 -2.51 -16.39
N PRO C 226 19.95 -2.43 -17.39
CA PRO C 226 20.01 -1.44 -18.46
C PRO C 226 18.77 -1.39 -19.32
N SER C 227 18.63 -0.27 -20.01
CA SER C 227 17.43 0.05 -20.73
C SER C 227 17.37 -0.63 -22.07
N GLY C 228 18.52 -1.00 -22.63
CA GLY C 228 18.55 -1.57 -23.96
C GLY C 228 18.98 -0.56 -25.03
N LEU C 229 19.18 0.69 -24.66
CA LEU C 229 19.61 1.67 -25.64
C LEU C 229 21.07 1.48 -25.94
N SER C 230 21.51 1.89 -27.12
CA SER C 230 22.94 1.97 -27.41
C SER C 230 23.64 2.95 -26.49
N ASP C 231 24.94 2.80 -26.36
CA ASP C 231 25.74 3.74 -25.60
C ASP C 231 25.53 5.19 -26.08
N GLU C 232 25.40 5.38 -27.38
CA GLU C 232 25.27 6.70 -27.94
C GLU C 232 23.89 7.30 -27.62
N SER C 233 22.85 6.50 -27.78
CA SER C 233 21.51 6.91 -27.38
C SER C 233 21.42 7.22 -25.88
N GLU C 234 22.05 6.41 -25.02
CA GLU C 234 22.09 6.69 -23.57
C GLU C 234 22.73 8.00 -23.28
N GLN C 235 23.82 8.29 -23.96
CA GLN C 235 24.53 9.55 -23.72
C GLN C 235 23.70 10.72 -24.11
N GLN C 236 23.03 10.63 -25.26
CA GLN C 236 22.09 11.70 -25.65
C GLN C 236 20.97 11.91 -24.61
N LEU C 237 20.43 10.79 -24.16
CA LEU C 237 19.27 10.82 -23.27
C LEU C 237 19.70 11.43 -21.95
N ALA C 238 20.85 11.01 -21.45
CA ALA C 238 21.42 11.53 -20.21
C ALA C 238 21.57 13.03 -20.27
N ALA C 239 22.16 13.53 -21.36
CA ALA C 239 22.35 14.99 -21.49
C ALA C 239 21.02 15.71 -21.60
N LEU C 240 20.09 15.09 -22.32
CA LEU C 240 18.78 15.71 -22.47
C LEU C 240 18.01 15.79 -21.14
N ALA C 241 18.09 14.71 -20.36
CA ALA C 241 17.42 14.66 -19.05
C ALA C 241 17.97 15.77 -18.15
N LEU C 242 19.29 15.90 -18.13
CA LEU C 242 19.94 16.91 -17.30
C LEU C 242 19.54 18.33 -17.67
N GLN C 243 19.48 18.63 -18.98
CA GLN C 243 18.92 19.91 -19.42
C GLN C 243 17.49 20.10 -18.99
N ALA C 244 16.69 19.03 -19.05
CA ALA C 244 15.28 19.20 -18.75
C ALA C 244 15.10 19.55 -17.27
N TYR C 245 15.90 18.90 -16.45
CA TYR C 245 15.90 19.04 -15.01
C TYR C 245 16.34 20.41 -14.62
N HIS C 246 17.50 20.83 -15.12
CA HIS C 246 17.98 22.22 -14.87
C HIS C 246 17.06 23.29 -15.43
N ALA C 247 16.41 23.05 -16.57
CA ALA C 247 15.47 24.04 -17.13
C ALA C 247 14.39 24.44 -16.17
N LEU C 248 13.98 23.51 -15.29
CA LEU C 248 12.88 23.78 -14.40
C LEU C 248 13.38 24.14 -13.00
N ASP C 249 14.69 24.30 -12.89
CA ASP C 249 15.35 24.67 -11.64
C ASP C 249 15.30 23.60 -10.53
N CYS C 250 15.27 22.32 -10.91
CA CYS C 250 15.32 21.25 -9.93
C CYS C 250 16.68 21.14 -9.29
N SER C 251 16.74 20.57 -8.11
CA SER C 251 18.00 20.27 -7.44
C SER C 251 17.83 19.14 -6.47
N GLY C 252 18.96 18.69 -5.93
CA GLY C 252 19.03 17.63 -4.94
C GLY C 252 18.90 16.30 -5.66
N TRP C 253 17.69 15.97 -6.10
CA TRP C 253 17.47 14.73 -6.85
C TRP C 253 16.11 14.72 -7.46
N GLY C 254 15.90 13.83 -8.42
CA GLY C 254 14.57 13.71 -9.05
C GLY C 254 14.60 12.71 -10.19
N ARG C 255 13.51 12.59 -10.90
CA ARG C 255 13.58 11.78 -12.07
C ARG C 255 12.87 12.39 -13.26
N VAL C 256 13.47 12.22 -14.42
CA VAL C 256 12.92 12.79 -15.65
C VAL C 256 12.31 11.66 -16.46
N ASP C 257 11.09 11.85 -16.91
CA ASP C 257 10.42 10.85 -17.78
C ASP C 257 10.43 11.34 -19.23
N VAL C 258 10.80 10.43 -20.10
CA VAL C 258 11.02 10.68 -21.48
C VAL C 258 10.35 9.58 -22.27
N MET C 259 9.91 9.91 -23.46
CA MET C 259 9.26 8.97 -24.36
C MET C 259 9.91 8.98 -25.75
N GLN C 260 10.07 7.81 -26.38
CA GLN C 260 10.46 7.76 -27.78
C GLN C 260 9.29 7.79 -28.73
N ASP C 261 9.51 8.36 -29.92
CA ASP C 261 8.59 8.20 -31.07
C ASP C 261 9.11 7.07 -31.95
N ARG C 262 8.31 6.75 -32.96
CA ARG C 262 8.56 5.70 -33.93
C ARG C 262 9.93 5.78 -34.53
N ASP C 263 10.41 6.99 -34.78
CA ASP C 263 11.73 7.21 -35.40
C ASP C 263 12.88 7.29 -34.39
N GLY C 264 12.62 6.96 -33.12
CA GLY C 264 13.69 6.89 -32.11
C GLY C 264 14.08 8.21 -31.45
N HIS C 265 13.41 9.30 -31.75
CA HIS C 265 13.72 10.56 -31.07
C HIS C 265 13.09 10.60 -29.70
N PHE C 266 13.71 11.34 -28.78
CA PHE C 266 13.21 11.42 -27.43
C PHE C 266 12.39 12.65 -27.25
N TYR C 267 11.35 12.53 -26.44
CA TYR C 267 10.47 13.63 -26.10
C TYR C 267 10.28 13.66 -24.61
N LEU C 268 10.39 14.84 -24.06
CA LEU C 268 10.31 15.02 -22.66
C LEU C 268 8.86 14.96 -22.22
N LEU C 269 8.61 14.32 -21.08
CA LEU C 269 7.24 14.23 -20.55
C LEU C 269 7.11 15.05 -19.30
N GLU C 270 7.92 14.78 -18.28
CA GLU C 270 7.70 15.37 -16.98
C GLU C 270 8.82 15.07 -16.06
N VAL C 271 8.87 15.82 -14.98
CA VAL C 271 9.88 15.62 -13.95
C VAL C 271 9.17 15.41 -12.58
N ASN C 272 9.64 14.43 -11.82
CA ASN C 272 9.06 14.07 -10.58
C ASN C 272 10.06 14.53 -9.53
N THR C 273 9.62 15.39 -8.64
CA THR C 273 10.49 15.99 -7.63
C THR C 273 10.39 15.33 -6.23
N SER C 274 9.55 14.33 -6.03
CA SER C 274 9.79 13.39 -4.84
C SER C 274 9.61 11.89 -5.07
N PRO C 275 10.56 11.27 -5.74
CA PRO C 275 10.26 9.94 -6.28
C PRO C 275 10.13 8.88 -5.20
N GLY C 276 9.49 7.80 -5.60
CA GLY C 276 9.40 6.61 -4.78
C GLY C 276 10.71 6.08 -4.31
N MET C 277 10.76 5.66 -3.04
CA MET C 277 11.95 5.13 -2.47
C MET C 277 11.71 3.80 -1.81
N THR C 278 10.77 3.01 -2.31
CA THR C 278 10.65 1.68 -1.75
C THR C 278 11.91 1.03 -2.25
N SER C 279 12.17 -0.16 -1.74
CA SER C 279 13.41 -0.86 -2.05
C SER C 279 13.54 -1.18 -3.55
N HIS C 280 12.44 -1.25 -4.28
CA HIS C 280 12.46 -1.59 -5.72
C HIS C 280 11.70 -0.54 -6.56
N SER C 281 11.59 0.67 -6.01
CA SER C 281 11.19 1.83 -6.83
C SER C 281 12.28 2.12 -7.87
N LEU C 282 12.01 3.05 -8.76
CA LEU C 282 12.88 3.36 -9.90
C LEU C 282 14.18 4.00 -9.55
N VAL C 283 14.20 4.98 -8.66
CA VAL C 283 15.45 5.60 -8.32
C VAL C 283 16.43 4.61 -7.63
N PRO C 284 15.98 3.84 -6.63
CA PRO C 284 16.86 2.78 -6.07
C PRO C 284 17.36 1.81 -7.12
N MET C 285 16.53 1.51 -8.11
CA MET C 285 16.93 0.55 -9.13
C MET C 285 18.06 1.15 -9.96
N ALA C 286 17.91 2.41 -10.39
CA ALA C 286 18.97 3.05 -11.15
C ALA C 286 20.21 3.26 -10.29
N ALA C 287 20.03 3.58 -9.02
CA ALA C 287 21.19 3.76 -8.12
C ALA C 287 21.99 2.48 -7.94
N ARG C 288 21.26 1.38 -7.78
CA ARG C 288 21.90 0.10 -7.59
C ARG C 288 22.74 -0.18 -8.86
N GLN C 289 22.14 -0.04 -10.05
CA GLN C 289 22.88 -0.25 -11.30
C GLN C 289 24.10 0.68 -11.49
N TYR C 290 24.01 1.89 -10.93
CA TYR C 290 25.14 2.83 -10.88
C TYR C 290 26.23 2.42 -9.90
N GLY C 291 25.93 1.48 -9.03
CA GLY C 291 26.93 1.03 -8.09
C GLY C 291 26.74 1.55 -6.67
N LEU C 292 25.63 2.24 -6.38
CA LEU C 292 25.34 2.63 -4.98
C LEU C 292 24.39 1.68 -4.26
N SER C 293 24.70 1.41 -2.99
CA SER C 293 23.73 0.74 -2.13
C SER C 293 22.61 1.74 -1.87
N PHE C 294 21.48 1.23 -1.41
CA PHE C 294 20.36 2.03 -1.03
C PHE C 294 20.81 3.05 0.09
N SER C 295 21.58 2.54 1.04
CA SER C 295 22.00 3.37 2.19
C SER C 295 22.88 4.52 1.68
N GLN C 296 23.76 4.23 0.75
CA GLN C 296 24.55 5.30 0.12
C GLN C 296 23.71 6.33 -0.60
N LEU C 297 22.66 5.85 -1.25
CA LEU C 297 21.77 6.73 -2.01
C LEU C 297 21.16 7.72 -1.07
N VAL C 298 20.54 7.20 -0.01
CA VAL C 298 19.81 8.10 0.88
C VAL C 298 20.76 9.01 1.65
N ALA C 299 21.95 8.54 1.98
CA ALA C 299 22.93 9.40 2.65
C ALA C 299 23.38 10.51 1.69
N ARG C 300 23.54 10.16 0.41
CA ARG C 300 23.84 11.17 -0.59
C ARG C 300 22.74 12.22 -0.76
N ILE C 301 21.51 11.77 -0.85
CA ILE C 301 20.42 12.70 -1.04
C ILE C 301 20.41 13.69 0.17
N LEU C 302 20.57 13.14 1.37
CA LEU C 302 20.56 13.94 2.57
C LEU C 302 21.74 14.92 2.62
N MET C 303 22.90 14.48 2.22
CA MET C 303 24.05 15.36 2.10
C MET C 303 23.82 16.54 1.17
N LEU C 304 23.00 16.37 0.13
CA LEU C 304 22.77 17.44 -0.83
C LEU C 304 21.82 18.48 -0.31
N ALA C 305 21.25 18.24 0.86
CA ALA C 305 20.40 19.22 1.48
C ALA C 305 21.26 20.05 2.39
N ASP C 306 21.30 21.33 2.14
CA ASP C 306 22.09 22.24 2.99
C ASP C 306 21.36 23.58 3.14
N MET D 1 -20.67 35.28 14.01
CA MET D 1 -19.20 35.57 13.94
C MET D 1 -18.75 36.06 12.55
N ALA D 2 -18.34 37.31 12.49
CA ALA D 2 -17.68 37.82 11.28
C ALA D 2 -16.31 37.13 11.14
N GLU D 3 -15.78 37.06 9.92
CA GLU D 3 -14.48 36.45 9.68
C GLU D 3 -13.49 37.30 10.43
N LYS D 4 -12.49 36.68 11.03
CA LYS D 4 -11.37 37.41 11.64
C LYS D 4 -10.23 37.39 10.59
N VAL D 5 -9.76 38.57 10.22
CA VAL D 5 -8.81 38.69 9.15
C VAL D 5 -7.46 39.16 9.75
N ALA D 6 -6.40 38.43 9.43
CA ALA D 6 -5.06 38.84 9.74
C ALA D 6 -4.41 39.61 8.56
N VAL D 7 -3.87 40.79 8.86
CA VAL D 7 -3.03 41.51 7.95
C VAL D 7 -1.56 41.31 8.34
N LEU D 8 -0.86 40.52 7.52
CA LEU D 8 0.53 40.21 7.73
C LEU D 8 1.39 41.32 7.21
N LEU D 9 2.22 41.85 8.10
CA LEU D 9 2.99 43.06 7.79
C LEU D 9 4.37 43.04 8.46
N GLY D 10 5.21 43.94 7.97
CA GLY D 10 6.59 44.01 8.42
C GLY D 10 7.50 42.87 8.04
N GLY D 11 7.49 41.80 8.82
CA GLY D 11 8.44 40.70 8.61
C GLY D 11 9.92 41.07 8.71
N THR D 12 10.79 40.22 8.13
CA THR D 12 12.22 40.34 8.33
C THR D 12 12.98 40.60 7.05
N SER D 13 12.31 40.97 5.98
CA SER D 13 13.03 41.13 4.74
C SER D 13 13.57 42.56 4.65
N ALA D 14 14.43 42.79 3.68
CA ALA D 14 14.95 44.11 3.36
C ALA D 14 13.87 45.19 3.19
N GLU D 15 12.68 44.78 2.76
CA GLU D 15 11.59 45.72 2.55
C GLU D 15 10.70 45.89 3.79
N ARG D 16 11.16 45.48 4.96
CA ARG D 16 10.35 45.55 6.19
C ARG D 16 9.70 46.90 6.40
N GLU D 17 10.45 47.98 6.20
CA GLU D 17 9.93 49.30 6.59
C GLU D 17 8.79 49.68 5.67
N VAL D 18 8.90 49.36 4.38
CA VAL D 18 7.82 49.61 3.43
C VAL D 18 6.61 48.74 3.74
N SER D 19 6.83 47.50 4.15
CA SER D 19 5.73 46.58 4.47
C SER D 19 4.97 47.01 5.72
N LEU D 20 5.66 47.58 6.71
CA LEU D 20 4.95 48.19 7.88
C LEU D 20 3.97 49.26 7.43
N LEU D 21 4.39 50.08 6.48
CA LEU D 21 3.53 51.12 5.97
C LEU D 21 2.38 50.56 5.07
N SER D 22 2.65 49.54 4.27
CA SER D 22 1.60 48.87 3.49
C SER D 22 0.58 48.28 4.40
N GLY D 23 1.09 47.56 5.40
CA GLY D 23 0.24 46.91 6.38
C GLY D 23 -0.64 47.84 7.16
N GLN D 24 -0.04 48.94 7.61
CA GLN D 24 -0.83 49.88 8.41
C GLN D 24 -1.96 50.46 7.56
N ALA D 25 -1.69 50.72 6.27
CA ALA D 25 -2.66 51.36 5.44
C ALA D 25 -3.76 50.36 5.11
N VAL D 26 -3.37 49.12 4.79
CA VAL D 26 -4.34 48.04 4.55
C VAL D 26 -5.22 47.80 5.77
N LEU D 27 -4.62 47.70 6.92
CA LEU D 27 -5.39 47.59 8.16
C LEU D 27 -6.49 48.65 8.33
N ALA D 28 -6.14 49.91 8.07
CA ALA D 28 -7.08 51.02 8.28
C ALA D 28 -8.15 50.98 7.20
N GLY D 29 -7.72 50.62 5.99
CA GLY D 29 -8.63 50.46 4.87
C GLY D 29 -9.67 49.36 5.12
N LEU D 30 -9.25 48.21 5.61
CA LEU D 30 -10.20 47.10 5.89
C LEU D 30 -11.18 47.40 7.01
N LYS D 31 -10.67 48.07 8.04
CA LYS D 31 -11.55 48.50 9.15
C LYS D 31 -12.64 49.47 8.66
N GLU D 32 -12.24 50.44 7.84
CA GLU D 32 -13.14 51.40 7.26
C GLU D 32 -14.25 50.76 6.43
N ALA D 33 -13.98 49.59 5.86
CA ALA D 33 -14.97 48.84 5.07
C ALA D 33 -15.77 47.88 5.90
N GLY D 34 -15.50 47.79 7.19
CA GLY D 34 -16.36 46.98 8.10
C GLY D 34 -15.85 45.56 8.30
N ILE D 35 -14.58 45.33 7.94
CA ILE D 35 -13.97 44.05 8.11
C ILE D 35 -13.32 43.96 9.48
N ASP D 36 -13.48 42.81 10.17
CA ASP D 36 -12.84 42.58 11.46
C ASP D 36 -11.34 42.20 11.30
N ALA D 37 -10.48 43.18 11.07
CA ALA D 37 -9.08 42.93 10.76
C ALA D 37 -8.13 43.27 11.90
N TYR D 38 -7.04 42.53 12.00
CA TYR D 38 -5.98 42.75 12.96
C TYR D 38 -4.61 42.75 12.26
N GLY D 39 -3.78 43.69 12.68
CA GLY D 39 -2.39 43.78 12.28
C GLY D 39 -1.58 42.68 12.94
N VAL D 40 -0.78 41.98 12.13
CA VAL D 40 0.12 40.93 12.62
C VAL D 40 1.49 41.12 12.01
N ASP D 41 2.40 41.62 12.86
CA ASP D 41 3.82 41.82 12.49
C ASP D 41 4.51 40.49 12.60
N THR D 42 4.92 39.95 11.45
CA THR D 42 5.37 38.55 11.43
C THR D 42 6.80 38.42 11.93
N LYS D 43 7.53 39.53 12.07
CA LYS D 43 8.78 39.49 12.86
C LYS D 43 8.57 38.93 14.32
N ASP D 44 7.42 39.20 14.94
CA ASP D 44 7.18 38.81 16.34
C ASP D 44 6.14 37.72 16.53
N PHE D 45 5.34 37.50 15.50
CA PHE D 45 4.34 36.46 15.56
C PHE D 45 4.61 35.48 14.40
N PRO D 46 4.74 34.18 14.74
CA PRO D 46 4.95 33.19 13.69
C PRO D 46 3.68 32.88 12.92
N VAL D 47 3.78 32.98 11.59
CA VAL D 47 2.66 32.71 10.71
C VAL D 47 2.11 31.31 10.87
N THR D 48 2.90 30.38 11.37
CA THR D 48 2.40 29.01 11.56
C THR D 48 1.30 28.89 12.61
N GLN D 49 1.07 29.94 13.38
CA GLN D 49 0.06 29.88 14.44
C GLN D 49 -1.18 30.71 14.13
N LEU D 50 -1.30 31.20 12.90
CA LEU D 50 -2.40 32.06 12.57
C LEU D 50 -3.69 31.35 12.82
N LYS D 51 -3.76 30.09 12.44
CA LYS D 51 -5.00 29.33 12.61
C LYS D 51 -5.31 29.09 14.10
N GLU D 52 -4.30 28.70 14.87
CA GLU D 52 -4.50 28.51 16.31
C GLU D 52 -5.01 29.81 16.96
N GLN D 53 -4.54 30.95 16.48
CA GLN D 53 -4.93 32.24 17.03
C GLN D 53 -6.38 32.68 16.65
N GLY D 54 -7.07 31.89 15.84
CA GLY D 54 -8.45 32.17 15.51
C GLY D 54 -8.70 32.88 14.19
N PHE D 55 -7.66 33.14 13.40
CA PHE D 55 -7.88 33.80 12.12
C PHE D 55 -8.52 32.87 11.07
N ASP D 56 -9.42 33.43 10.27
CA ASP D 56 -10.14 32.72 9.23
C ASP D 56 -9.58 33.02 7.84
N LYS D 57 -8.89 34.14 7.71
CA LYS D 57 -8.51 34.68 6.43
C LYS D 57 -7.33 35.66 6.56
N VAL D 58 -6.51 35.73 5.51
CA VAL D 58 -5.26 36.43 5.56
C VAL D 58 -5.06 37.40 4.41
N PHE D 59 -4.77 38.64 4.77
CA PHE D 59 -4.33 39.60 3.79
C PHE D 59 -2.79 39.72 3.85
N ILE D 60 -2.13 39.48 2.72
CA ILE D 60 -0.70 39.54 2.68
C ILE D 60 -0.22 40.91 2.24
N ALA D 61 0.44 41.59 3.18
CA ALA D 61 1.06 42.88 2.90
C ALA D 61 2.57 42.89 3.22
N LEU D 62 3.20 41.72 3.22
CA LEU D 62 4.66 41.59 3.23
C LEU D 62 5.19 41.72 1.80
N HIS D 63 6.46 42.11 1.67
CA HIS D 63 7.11 42.27 0.37
C HIS D 63 8.43 41.54 0.39
N GLY D 64 8.90 41.11 -0.78
CA GLY D 64 10.20 40.45 -0.81
C GLY D 64 10.25 39.03 -0.26
N ARG D 65 11.44 38.62 0.13
CA ARG D 65 11.70 37.28 0.58
C ARG D 65 10.77 36.97 1.72
N GLY D 66 10.12 35.79 1.66
CA GLY D 66 9.19 35.34 2.70
C GLY D 66 7.80 36.00 2.64
N GLY D 67 7.56 36.80 1.62
CA GLY D 67 6.26 37.39 1.47
C GLY D 67 5.61 37.19 0.10
N GLU D 68 6.38 37.33 -0.97
CA GLU D 68 5.87 37.27 -2.35
C GLU D 68 6.48 36.21 -3.25
N ASP D 69 7.19 35.29 -2.61
CA ASP D 69 8.03 34.30 -3.27
C ASP D 69 7.54 32.86 -3.15
N GLY D 70 6.38 32.63 -2.58
CA GLY D 70 5.82 31.29 -2.52
C GLY D 70 5.92 30.63 -1.16
N THR D 71 6.85 31.09 -0.33
CA THR D 71 7.12 30.34 0.90
C THR D 71 6.00 30.51 1.88
N LEU D 72 5.63 31.75 2.11
CA LEU D 72 4.47 32.06 2.95
C LEU D 72 3.18 31.44 2.44
N GLN D 73 3.02 31.47 1.13
CA GLN D 73 1.84 30.95 0.50
C GLN D 73 1.76 29.47 0.81
N GLY D 74 2.89 28.80 0.84
CA GLY D 74 2.92 27.39 1.19
C GLY D 74 2.44 27.15 2.64
N VAL D 75 2.91 27.96 3.56
CA VAL D 75 2.46 27.84 4.95
C VAL D 75 0.92 27.96 5.01
N LEU D 76 0.40 28.97 4.33
CA LEU D 76 -1.04 29.23 4.39
C LEU D 76 -1.84 28.11 3.69
N GLU D 77 -1.30 27.51 2.62
CA GLU D 77 -1.96 26.36 2.00
C GLU D 77 -1.96 25.23 2.99
N PHE D 78 -0.83 24.98 3.63
CA PHE D 78 -0.81 23.91 4.62
C PHE D 78 -1.85 24.14 5.74
N LEU D 79 -1.95 25.36 6.24
CA LEU D 79 -2.91 25.70 7.30
C LEU D 79 -4.34 25.78 6.76
N GLN D 80 -4.48 25.77 5.44
CA GLN D 80 -5.80 25.85 4.79
C GLN D 80 -6.53 27.15 5.09
N LEU D 81 -5.78 28.24 5.19
CA LEU D 81 -6.37 29.57 5.27
C LEU D 81 -6.40 30.24 3.90
N PRO D 82 -7.55 30.80 3.53
CA PRO D 82 -7.57 31.62 2.36
C PRO D 82 -6.72 32.89 2.53
N TYR D 83 -6.12 33.33 1.44
CA TYR D 83 -5.21 34.45 1.48
C TYR D 83 -5.27 35.18 0.15
N THR D 84 -4.83 36.43 0.20
CA THR D 84 -4.87 37.31 -0.93
C THR D 84 -3.69 37.07 -1.87
N GLY D 85 -3.81 37.56 -3.08
CA GLY D 85 -2.75 37.45 -4.07
C GLY D 85 -2.60 36.04 -4.60
N SER D 86 -1.52 35.81 -5.34
CA SER D 86 -1.31 34.58 -6.11
C SER D 86 -0.85 33.38 -5.28
N GLY D 87 -1.08 32.19 -5.81
CA GLY D 87 -0.70 30.96 -5.14
C GLY D 87 0.78 30.68 -5.13
N VAL D 88 1.13 29.46 -4.72
CA VAL D 88 2.53 29.10 -4.53
C VAL D 88 3.35 29.19 -5.81
N MET D 89 2.83 28.61 -6.85
CA MET D 89 3.58 28.42 -8.06
C MET D 89 3.82 29.83 -8.65
N ALA D 90 2.78 30.60 -8.78
CA ALA D 90 2.88 31.90 -9.43
C ALA D 90 3.72 32.88 -8.63
N SER D 91 3.56 32.85 -7.30
CA SER D 91 4.33 33.75 -6.43
C SER D 91 5.82 33.49 -6.64
N ALA D 92 6.19 32.19 -6.65
CA ALA D 92 7.60 31.80 -6.85
C ALA D 92 8.09 31.97 -8.30
N LEU D 93 7.28 31.63 -9.27
CA LEU D 93 7.73 31.72 -10.66
C LEU D 93 8.02 33.19 -11.01
N THR D 94 7.21 34.11 -10.50
CA THR D 94 7.40 35.53 -10.81
C THR D 94 8.70 36.12 -10.25
N MET D 95 9.39 35.41 -9.36
CA MET D 95 10.67 35.84 -8.82
C MET D 95 11.79 35.49 -9.79
N ASP D 96 11.54 34.57 -10.70
CA ASP D 96 12.55 34.03 -11.58
C ASP D 96 12.37 34.68 -12.95
N LYS D 97 13.23 35.63 -13.29
CA LYS D 97 12.99 36.42 -14.52
C LYS D 97 13.26 35.63 -15.78
N LEU D 98 14.18 34.67 -15.70
CA LEU D 98 14.42 33.76 -16.80
C LEU D 98 13.19 32.92 -17.10
N ARG D 99 12.66 32.25 -16.09
CA ARG D 99 11.55 31.32 -16.38
C ARG D 99 10.26 32.03 -16.69
N THR D 100 10.05 33.17 -16.05
CA THR D 100 9.01 34.08 -16.44
C THR D 100 9.09 34.39 -17.97
N LYS D 101 10.26 34.80 -18.44
CA LYS D 101 10.44 35.11 -19.87
C LYS D 101 10.16 33.88 -20.74
N LEU D 102 10.64 32.71 -20.31
CA LEU D 102 10.52 31.49 -21.10
C LEU D 102 9.08 31.17 -21.27
N VAL D 103 8.31 31.32 -20.22
CA VAL D 103 6.88 31.03 -20.38
C VAL D 103 6.24 32.01 -21.37
N TRP D 104 6.55 33.31 -21.22
CA TRP D 104 5.91 34.32 -22.06
C TRP D 104 6.30 34.11 -23.51
N GLN D 105 7.55 33.77 -23.72
CA GLN D 105 8.07 33.55 -25.06
C GLN D 105 7.39 32.39 -25.77
N ALA D 106 7.20 31.30 -25.06
CA ALA D 106 6.55 30.12 -25.65
C ALA D 106 5.09 30.36 -25.97
N LEU D 107 4.47 31.28 -25.26
CA LEU D 107 3.12 31.70 -25.61
C LEU D 107 3.07 32.76 -26.73
N GLY D 108 4.20 33.13 -27.34
CA GLY D 108 4.22 34.17 -28.37
C GLY D 108 3.96 35.58 -27.83
N LEU D 109 4.19 35.83 -26.56
CA LEU D 109 3.98 37.17 -26.00
C LEU D 109 5.25 37.96 -26.18
N PRO D 110 5.15 39.28 -26.39
CA PRO D 110 6.34 40.08 -26.67
C PRO D 110 7.29 40.34 -25.50
N ILE D 111 8.55 39.98 -25.70
CA ILE D 111 9.61 40.27 -24.77
C ILE D 111 10.81 40.71 -25.54
N SER D 112 11.70 41.40 -24.86
CA SER D 112 12.86 41.98 -25.54
C SER D 112 13.85 40.88 -25.90
N PRO D 113 14.48 40.96 -27.08
CA PRO D 113 15.54 40.00 -27.36
C PRO D 113 16.58 39.92 -26.24
N TYR D 114 17.10 38.71 -26.02
CA TYR D 114 17.94 38.49 -24.87
C TYR D 114 18.71 37.22 -25.06
N VAL D 115 19.73 37.10 -24.22
CA VAL D 115 20.53 35.92 -24.09
C VAL D 115 20.65 35.61 -22.59
N ALA D 116 20.52 34.32 -22.27
CA ALA D 116 20.68 33.82 -20.92
C ALA D 116 22.01 33.13 -20.83
N LEU D 117 22.68 33.27 -19.70
CA LEU D 117 23.96 32.61 -19.46
C LEU D 117 23.96 31.99 -18.09
N ASN D 118 24.40 30.76 -18.00
CA ASN D 118 24.62 30.13 -16.70
C ASN D 118 26.09 30.19 -16.29
N ARG D 119 26.34 29.78 -15.05
CA ARG D 119 27.69 29.83 -14.48
C ARG D 119 28.73 29.03 -15.27
N GLN D 120 28.36 27.83 -15.69
CA GLN D 120 29.28 26.96 -16.44
C GLN D 120 29.72 27.61 -17.76
N GLN D 121 28.83 28.32 -18.45
CA GLN D 121 29.22 29.05 -19.67
C GLN D 121 30.13 30.25 -19.34
N PHE D 122 29.83 30.95 -18.25
CA PHE D 122 30.65 32.08 -17.80
C PHE D 122 32.10 31.68 -17.51
N GLU D 123 32.27 30.56 -16.81
CA GLU D 123 33.60 30.03 -16.49
C GLU D 123 34.30 29.43 -17.71
N THR D 124 33.53 28.81 -18.61
CA THR D 124 34.06 28.21 -19.86
C THR D 124 34.56 29.23 -20.91
N LEU D 125 33.92 30.39 -21.02
CA LEU D 125 34.11 31.24 -22.20
C LEU D 125 34.92 32.49 -21.92
N SER D 126 35.70 32.87 -22.93
CA SER D 126 36.58 34.05 -22.90
C SER D 126 35.74 35.28 -23.10
N PRO D 127 36.21 36.44 -22.58
CA PRO D 127 35.48 37.71 -22.70
C PRO D 127 35.07 38.04 -24.15
N GLU D 128 35.91 37.65 -25.12
CA GLU D 128 35.65 37.88 -26.55
C GLU D 128 34.57 36.94 -27.08
N GLU D 129 34.55 35.70 -26.60
CA GLU D 129 33.46 34.76 -26.94
C GLU D 129 32.10 35.23 -26.39
N LEU D 130 32.10 35.80 -25.19
CA LEU D 130 30.88 36.35 -24.58
C LEU D 130 30.35 37.54 -25.39
N VAL D 131 31.24 38.48 -25.71
CA VAL D 131 30.90 39.56 -26.64
C VAL D 131 30.27 39.03 -27.93
N ALA D 132 30.81 37.96 -28.51
CA ALA D 132 30.20 37.39 -29.73
C ALA D 132 28.83 36.74 -29.45
N CYS D 133 28.65 36.11 -28.30
CA CYS D 133 27.33 35.54 -27.89
C CYS D 133 26.22 36.57 -27.94
N VAL D 134 26.53 37.80 -27.53
CA VAL D 134 25.52 38.83 -27.42
C VAL D 134 25.54 39.85 -28.56
N ALA D 135 26.38 39.66 -29.57
CA ALA D 135 26.56 40.68 -30.62
C ALA D 135 25.27 40.98 -31.33
N LYS D 136 24.44 39.96 -31.56
CA LYS D 136 23.17 40.12 -32.26
C LYS D 136 22.16 41.02 -31.51
N LEU D 137 22.40 41.25 -30.23
CA LEU D 137 21.55 42.13 -29.46
C LEU D 137 21.84 43.61 -29.70
N GLY D 138 23.00 43.93 -30.28
CA GLY D 138 23.44 45.31 -30.46
C GLY D 138 23.82 45.96 -29.16
N LEU D 139 23.82 47.29 -29.15
CA LEU D 139 24.14 48.09 -27.96
C LEU D 139 23.20 49.27 -27.87
N PRO D 140 22.98 49.81 -26.65
CA PRO D 140 23.45 49.30 -25.39
C PRO D 140 22.66 48.05 -24.93
N LEU D 141 23.09 47.47 -23.81
CA LEU D 141 22.59 46.22 -23.23
C LEU D 141 22.31 46.36 -21.75
N ILE D 142 21.34 45.59 -21.26
CA ILE D 142 21.07 45.50 -19.83
C ILE D 142 21.50 44.13 -19.41
N VAL D 143 22.29 44.11 -18.36
CA VAL D 143 22.77 42.88 -17.76
C VAL D 143 22.23 42.78 -16.35
N LYS D 144 21.62 41.63 -16.03
CA LYS D 144 21.04 41.44 -14.71
C LYS D 144 20.92 39.99 -14.27
N PRO D 145 21.00 39.77 -12.95
CA PRO D 145 20.75 38.45 -12.41
C PRO D 145 19.32 38.00 -12.68
N SER D 146 19.12 36.71 -12.82
CA SER D 146 17.79 36.19 -13.07
C SER D 146 16.81 36.34 -11.91
N HIS D 147 17.29 36.28 -10.68
CA HIS D 147 16.47 36.57 -9.49
C HIS D 147 16.83 37.93 -8.94
N GLU D 148 15.87 38.72 -8.47
CA GLU D 148 16.28 39.95 -7.74
C GLU D 148 16.57 39.72 -6.24
N GLY D 149 17.81 39.34 -5.92
CA GLY D 149 18.22 38.90 -4.58
C GLY D 149 19.22 39.81 -3.90
N VAL D 152 19.49 44.93 -7.48
CA VAL D 152 20.95 44.94 -7.37
C VAL D 152 21.64 43.96 -8.34
N GLY D 153 22.90 44.24 -8.63
CA GLY D 153 23.70 43.53 -9.65
C GLY D 153 23.39 43.82 -11.13
N MET D 154 22.63 44.86 -11.39
CA MET D 154 22.18 45.19 -12.70
C MET D 154 23.03 46.34 -13.30
N SER D 155 23.41 46.21 -14.56
CA SER D 155 24.18 47.27 -15.23
C SER D 155 23.69 47.57 -16.64
N LYS D 156 23.88 48.82 -17.05
CA LYS D 156 23.78 49.20 -18.48
C LYS D 156 25.16 49.09 -19.13
N VAL D 157 25.26 48.35 -20.23
CA VAL D 157 26.50 48.18 -20.90
C VAL D 157 26.43 48.98 -22.19
N ASP D 158 27.31 49.99 -22.31
CA ASP D 158 27.30 50.94 -23.48
C ASP D 158 28.25 50.53 -24.59
N HIS D 159 29.35 49.85 -24.23
CA HIS D 159 30.36 49.33 -25.20
C HIS D 159 30.74 47.90 -24.85
N ALA D 160 31.05 47.09 -25.88
CA ALA D 160 31.44 45.69 -25.73
C ALA D 160 32.45 45.47 -24.60
N SER D 161 33.38 46.41 -24.46
CA SER D 161 34.47 46.30 -23.49
C SER D 161 33.96 46.33 -22.04
N GLU D 162 32.77 46.86 -21.81
CA GLU D 162 32.21 46.96 -20.47
C GLU D 162 31.49 45.66 -20.03
N LEU D 163 31.26 44.73 -20.97
CA LEU D 163 30.40 43.55 -20.73
C LEU D 163 30.92 42.66 -19.58
N GLN D 164 32.23 42.41 -19.61
CA GLN D 164 32.83 41.47 -18.69
C GLN D 164 32.59 41.94 -17.26
N LYS D 165 32.88 43.19 -16.97
CA LYS D 165 32.68 43.68 -15.58
C LYS D 165 31.25 43.49 -15.15
N ALA D 166 30.33 43.76 -16.08
CA ALA D 166 28.92 43.70 -15.73
C ALA D 166 28.49 42.24 -15.49
N LEU D 167 29.09 41.31 -16.22
CA LEU D 167 28.83 39.92 -15.99
C LEU D 167 29.38 39.45 -14.65
N VAL D 168 30.57 39.88 -14.30
CA VAL D 168 31.17 39.47 -13.02
C VAL D 168 30.27 39.91 -11.90
N GLU D 169 29.84 41.17 -11.94
CA GLU D 169 28.99 41.72 -10.91
C GLU D 169 27.65 40.94 -10.80
N ALA D 170 27.07 40.58 -11.94
CA ALA D 170 25.80 39.88 -11.94
C ALA D 170 25.95 38.45 -11.39
N PHE D 171 27.03 37.78 -11.76
CA PHE D 171 27.27 36.44 -11.23
C PHE D 171 27.69 36.39 -9.74
N GLN D 172 27.86 37.54 -9.07
CA GLN D 172 28.02 37.56 -7.62
C GLN D 172 26.77 37.00 -6.97
N HIS D 173 25.62 37.39 -7.53
CA HIS D 173 24.30 37.20 -6.89
C HIS D 173 23.45 36.06 -7.44
N ASP D 174 23.90 35.36 -8.47
CA ASP D 174 23.05 34.35 -9.09
C ASP D 174 23.85 33.52 -10.05
N SER D 175 23.36 32.33 -10.37
CA SER D 175 24.05 31.45 -11.28
C SER D 175 23.44 31.52 -12.67
N ASP D 176 22.37 32.32 -12.81
CA ASP D 176 21.77 32.58 -14.09
C ASP D 176 21.67 34.08 -14.30
N VAL D 177 22.05 34.51 -15.50
CA VAL D 177 22.17 35.93 -15.82
C VAL D 177 21.52 36.19 -17.16
N LEU D 178 20.85 37.33 -17.25
CA LEU D 178 20.23 37.77 -18.46
C LEU D 178 20.96 38.98 -19.03
N ILE D 179 21.17 38.91 -20.35
CA ILE D 179 21.61 40.04 -21.13
C ILE D 179 20.51 40.42 -22.13
N GLU D 180 19.98 41.62 -21.99
CA GLU D 180 18.83 42.03 -22.78
C GLU D 180 19.15 43.26 -23.61
N LYS D 181 18.52 43.32 -24.76
CA LYS D 181 18.62 44.48 -25.62
C LYS D 181 17.97 45.65 -24.94
N TRP D 182 18.61 46.81 -24.99
CA TRP D 182 18.09 47.99 -24.34
C TRP D 182 16.89 48.47 -25.10
N LEU D 183 15.93 48.98 -24.36
CA LEU D 183 14.72 49.55 -24.94
C LEU D 183 14.63 50.99 -24.45
N SER D 184 14.17 51.85 -25.36
CA SER D 184 14.19 53.30 -25.24
C SER D 184 13.17 53.80 -24.24
N GLY D 185 12.09 53.04 -24.05
CA GLY D 185 11.16 53.38 -23.00
C GLY D 185 10.06 54.21 -23.61
N PRO D 186 9.20 54.77 -22.77
CA PRO D 186 9.18 54.65 -21.29
C PRO D 186 8.57 53.36 -20.72
N GLU D 187 8.65 53.26 -19.40
CA GLU D 187 8.16 52.13 -18.65
C GLU D 187 6.76 52.44 -18.13
N PHE D 188 5.93 51.40 -18.13
CA PHE D 188 4.59 51.45 -17.57
C PHE D 188 4.38 50.33 -16.59
N THR D 189 3.43 50.52 -15.70
CA THR D 189 2.97 49.44 -14.86
C THR D 189 1.46 49.42 -14.87
N VAL D 190 0.93 48.20 -14.83
CA VAL D 190 -0.50 47.93 -15.00
C VAL D 190 -0.95 47.09 -13.82
N ALA D 191 -1.82 47.65 -13.01
CA ALA D 191 -2.32 46.96 -11.82
C ALA D 191 -3.54 46.11 -12.23
N ILE D 192 -3.63 44.92 -11.68
CA ILE D 192 -4.74 44.02 -12.01
C ILE D 192 -5.38 43.63 -10.74
N LEU D 193 -6.70 43.73 -10.75
CA LEU D 193 -7.51 43.42 -9.61
C LEU D 193 -8.54 42.39 -10.07
N GLY D 194 -8.40 41.14 -9.65
CA GLY D 194 -9.29 40.08 -10.17
C GLY D 194 -9.24 39.97 -11.68
N ASP D 195 -10.36 40.26 -12.33
CA ASP D 195 -10.36 40.27 -13.77
C ASP D 195 -10.26 41.68 -14.34
N GLU D 196 -10.30 42.69 -13.49
CA GLU D 196 -10.24 44.08 -13.92
C GLU D 196 -8.79 44.62 -14.04
N VAL D 197 -8.48 45.16 -15.20
CA VAL D 197 -7.25 45.87 -15.42
C VAL D 197 -7.45 47.35 -15.04
N LEU D 198 -6.58 47.90 -14.22
CA LEU D 198 -6.67 49.31 -13.84
C LEU D 198 -5.85 50.17 -14.78
N PRO D 199 -6.03 51.51 -14.68
CA PRO D 199 -5.31 52.43 -15.55
C PRO D 199 -3.84 52.39 -15.35
N SER D 200 -3.15 52.28 -16.46
CA SER D 200 -1.71 52.22 -16.47
C SER D 200 -1.08 53.50 -15.91
N ILE D 201 0.14 53.36 -15.47
CA ILE D 201 0.91 54.46 -14.95
C ILE D 201 2.23 54.49 -15.67
N ARG D 202 2.62 55.68 -16.13
CA ARG D 202 3.93 55.89 -16.73
C ARG D 202 4.92 56.25 -15.66
N ILE D 203 6.09 55.63 -15.73
CA ILE D 203 7.14 55.80 -14.76
C ILE D 203 8.32 56.49 -15.44
N GLN D 204 8.82 57.55 -14.79
CA GLN D 204 10.00 58.35 -15.22
C GLN D 204 11.03 58.28 -14.08
N PRO D 205 11.99 57.34 -14.19
CA PRO D 205 12.93 57.21 -13.06
C PRO D 205 13.98 58.32 -13.10
N PRO D 206 14.63 58.62 -11.96
CA PRO D 206 15.70 59.64 -11.90
C PRO D 206 16.97 59.23 -12.70
N GLY D 207 17.39 57.96 -12.59
CA GLY D 207 18.58 57.45 -13.29
C GLY D 207 18.38 56.17 -14.11
N ASP D 219 13.76 59.28 -5.63
CA ASP D 219 13.35 60.33 -4.72
C ASP D 219 12.82 61.57 -5.45
N LYS D 220 13.36 61.80 -6.64
CA LYS D 220 12.76 62.71 -7.63
C LYS D 220 12.00 61.96 -8.74
N THR D 221 11.88 60.63 -8.58
CA THR D 221 11.16 59.72 -9.51
C THR D 221 9.70 60.12 -9.67
N GLN D 222 9.23 60.13 -10.91
CA GLN D 222 7.91 60.63 -11.24
C GLN D 222 6.96 59.58 -11.82
N TYR D 223 5.70 59.66 -11.43
CA TYR D 223 4.65 58.78 -11.90
C TYR D 223 3.58 59.64 -12.58
N PHE D 224 3.09 59.19 -13.72
CA PHE D 224 1.97 59.86 -14.38
C PHE D 224 0.80 58.90 -14.57
N CYS D 225 -0.35 59.29 -14.03
CA CYS D 225 -1.60 58.56 -14.20
C CYS D 225 -2.65 59.65 -14.33
N PRO D 226 -3.28 59.79 -15.51
CA PRO D 226 -3.14 58.97 -16.71
C PRO D 226 -1.73 58.91 -17.25
N SER D 227 -1.48 57.85 -18.02
CA SER D 227 -0.16 57.55 -18.49
C SER D 227 0.23 58.38 -19.69
N GLY D 228 -0.74 58.88 -20.44
CA GLY D 228 -0.44 59.66 -21.64
C GLY D 228 -0.64 58.87 -22.92
N LEU D 229 -0.96 57.59 -22.80
CA LEU D 229 -1.20 56.79 -23.99
C LEU D 229 -2.57 57.10 -24.56
N SER D 230 -2.73 56.87 -25.87
CA SER D 230 -4.06 56.91 -26.50
C SER D 230 -4.97 55.81 -25.94
N ASP D 231 -6.27 56.00 -26.08
CA ASP D 231 -7.23 54.96 -25.70
C ASP D 231 -6.88 53.64 -26.34
N GLU D 232 -6.50 53.65 -27.61
CA GLU D 232 -6.25 52.43 -28.36
C GLU D 232 -4.99 51.71 -27.82
N SER D 233 -3.93 52.48 -27.58
CA SER D 233 -2.74 51.96 -26.95
C SER D 233 -3.02 51.40 -25.55
N GLU D 234 -3.79 52.11 -24.73
CA GLU D 234 -4.16 51.63 -23.38
C GLU D 234 -4.85 50.31 -23.47
N GLN D 235 -5.75 50.16 -24.44
CA GLN D 235 -6.51 48.93 -24.56
C GLN D 235 -5.61 47.77 -24.92
N GLN D 236 -4.67 47.99 -25.84
CA GLN D 236 -3.72 46.95 -26.21
C GLN D 236 -2.84 46.55 -25.06
N LEU D 237 -2.43 47.54 -24.30
CA LEU D 237 -1.59 47.33 -23.16
C LEU D 237 -2.34 46.52 -22.12
N ALA D 238 -3.55 46.94 -21.83
CA ALA D 238 -4.40 46.26 -20.84
C ALA D 238 -4.57 44.78 -21.16
N ALA D 239 -4.90 44.47 -22.41
CA ALA D 239 -5.10 43.08 -22.80
C ALA D 239 -3.79 42.31 -22.66
N LEU D 240 -2.72 42.96 -23.03
CA LEU D 240 -1.43 42.31 -22.96
C LEU D 240 -1.05 41.99 -21.52
N ALA D 241 -1.26 42.96 -20.63
CA ALA D 241 -0.92 42.78 -19.23
C ALA D 241 -1.69 41.59 -18.69
N LEU D 242 -2.98 41.54 -19.01
CA LEU D 242 -3.85 40.47 -18.54
C LEU D 242 -3.38 39.09 -19.02
N GLN D 243 -2.99 38.96 -20.28
CA GLN D 243 -2.40 37.73 -20.77
C GLN D 243 -1.11 37.40 -20.05
N ALA D 244 -0.31 38.42 -19.73
CA ALA D 244 0.97 38.14 -19.11
C ALA D 244 0.76 37.57 -17.70
N TYR D 245 -0.22 38.13 -17.03
CA TYR D 245 -0.57 37.76 -15.71
C TYR D 245 -1.13 36.33 -15.71
N HIS D 246 -2.09 36.04 -16.57
CA HIS D 246 -2.69 34.68 -16.64
C HIS D 246 -1.69 33.64 -17.10
N ALA D 247 -0.77 34.01 -17.99
CA ALA D 247 0.27 33.09 -18.43
C ALA D 247 1.06 32.47 -17.26
N LEU D 248 1.26 33.22 -16.18
CA LEU D 248 2.10 32.75 -15.10
C LEU D 248 1.25 32.20 -13.96
N ASP D 249 -0.06 32.10 -14.20
CA ASP D 249 -1.04 31.58 -13.25
C ASP D 249 -1.31 32.47 -12.04
N CYS D 250 -1.14 33.80 -12.21
CA CYS D 250 -1.42 34.73 -11.13
C CYS D 250 -2.89 34.84 -10.88
N SER D 251 -3.25 35.26 -9.67
CA SER D 251 -4.64 35.52 -9.33
C SER D 251 -4.73 36.48 -8.17
N GLY D 252 -5.96 36.93 -7.91
CA GLY D 252 -6.27 37.89 -6.87
C GLY D 252 -5.90 39.30 -7.31
N TRP D 253 -4.63 39.60 -7.35
CA TRP D 253 -4.16 40.92 -7.81
C TRP D 253 -2.66 40.92 -7.99
N GLY D 254 -2.16 41.96 -8.63
CA GLY D 254 -0.73 42.11 -8.82
C GLY D 254 -0.43 43.27 -9.77
N ARG D 255 0.82 43.41 -10.16
CA ARG D 255 1.18 44.45 -11.06
C ARG D 255 2.04 43.93 -12.18
N VAL D 256 1.74 44.29 -13.41
CA VAL D 256 2.57 43.88 -14.56
C VAL D 256 3.40 45.07 -15.07
N ASP D 257 4.70 44.89 -15.20
CA ASP D 257 5.59 45.96 -15.67
C ASP D 257 5.90 45.71 -17.14
N VAL D 258 5.79 46.76 -17.94
CA VAL D 258 5.93 46.71 -19.36
C VAL D 258 6.80 47.88 -19.80
N MET D 259 7.46 47.73 -20.94
CA MET D 259 8.30 48.76 -21.50
C MET D 259 8.06 48.97 -22.99
N GLN D 260 8.08 50.23 -23.45
CA GLN D 260 7.99 50.50 -24.91
C GLN D 260 9.33 50.58 -25.60
N ASP D 261 9.39 50.18 -26.89
CA ASP D 261 10.55 50.48 -27.75
C ASP D 261 10.24 51.78 -28.52
N ARG D 262 11.26 52.25 -29.24
CA ARG D 262 11.23 53.49 -30.02
C ARG D 262 10.01 53.54 -30.93
N ASP D 263 9.65 52.39 -31.52
CA ASP D 263 8.50 52.29 -32.43
C ASP D 263 7.13 52.06 -31.74
N GLY D 264 7.08 52.18 -30.42
CA GLY D 264 5.83 52.15 -29.69
C GLY D 264 5.30 50.78 -29.31
N HIS D 265 6.01 49.69 -29.65
CA HIS D 265 5.57 48.35 -29.25
C HIS D 265 5.84 48.11 -27.78
N PHE D 266 4.99 47.31 -27.15
CA PHE D 266 5.16 47.00 -25.73
C PHE D 266 5.89 45.69 -25.54
N TYR D 267 6.72 45.64 -24.48
CA TYR D 267 7.49 44.46 -24.14
C TYR D 267 7.31 44.19 -22.66
N LEU D 268 7.07 42.93 -22.33
CA LEU D 268 6.80 42.53 -20.96
C LEU D 268 8.08 42.43 -20.18
N LEU D 269 8.07 42.89 -18.94
CA LEU D 269 9.25 42.85 -18.10
C LEU D 269 9.08 41.88 -16.97
N GLU D 270 8.06 42.06 -16.16
CA GLU D 270 7.94 41.26 -14.92
C GLU D 270 6.58 41.45 -14.28
N VAL D 271 6.24 40.55 -13.36
CA VAL D 271 4.99 40.62 -12.59
C VAL D 271 5.33 40.61 -11.12
N ASN D 272 4.72 41.50 -10.36
CA ASN D 272 4.93 41.58 -8.92
C ASN D 272 3.71 41.05 -8.28
N THR D 273 3.88 40.01 -7.46
CA THR D 273 2.74 39.37 -6.81
C THR D 273 2.45 39.79 -5.36
N SER D 274 3.24 40.68 -4.75
CA SER D 274 2.70 41.45 -3.54
C SER D 274 3.01 42.99 -3.47
N PRO D 275 2.37 43.78 -4.33
CA PRO D 275 2.79 45.17 -4.50
C PRO D 275 2.64 46.05 -3.27
N GLY D 276 3.45 47.11 -3.26
CA GLY D 276 3.37 48.14 -2.25
C GLY D 276 1.99 48.73 -2.13
N MET D 277 1.56 48.93 -0.88
CA MET D 277 0.24 49.48 -0.60
C MET D 277 0.31 50.71 0.31
N THR D 278 1.40 51.47 0.24
CA THR D 278 1.48 52.71 1.00
C THR D 278 0.80 53.84 0.24
N SER D 279 0.70 54.97 0.94
CA SER D 279 0.10 56.17 0.41
C SER D 279 0.84 56.66 -0.83
N HIS D 280 2.10 56.30 -1.00
CA HIS D 280 2.82 56.70 -2.21
C HIS D 280 2.95 55.60 -3.27
N SER D 281 2.34 54.42 -3.06
CA SER D 281 2.56 53.30 -3.97
C SER D 281 1.73 53.34 -5.28
N LEU D 282 2.17 52.53 -6.22
CA LEU D 282 1.56 52.47 -7.57
C LEU D 282 0.15 51.89 -7.61
N VAL D 283 -0.11 50.79 -6.93
CA VAL D 283 -1.44 50.19 -7.07
C VAL D 283 -2.51 51.16 -6.54
N PRO D 284 -2.30 51.76 -5.34
CA PRO D 284 -3.27 52.74 -4.84
C PRO D 284 -3.47 53.92 -5.80
N MET D 285 -2.42 54.31 -6.46
CA MET D 285 -2.51 55.37 -7.39
C MET D 285 -3.41 54.98 -8.57
N ALA D 286 -3.20 53.80 -9.14
CA ALA D 286 -4.07 53.37 -10.25
C ALA D 286 -5.50 53.19 -9.77
N ALA D 287 -5.68 52.70 -8.56
CA ALA D 287 -7.03 52.44 -8.06
C ALA D 287 -7.78 53.74 -7.90
N ARG D 288 -7.08 54.74 -7.37
CA ARG D 288 -7.67 56.07 -7.15
C ARG D 288 -8.11 56.64 -8.49
N GLN D 289 -7.25 56.60 -9.49
CA GLN D 289 -7.65 56.97 -10.85
C GLN D 289 -8.84 56.17 -11.46
N TYR D 290 -8.97 54.88 -11.10
CA TYR D 290 -10.09 54.03 -11.52
C TYR D 290 -11.38 54.42 -10.83
N GLY D 291 -11.26 55.21 -9.77
CA GLY D 291 -12.42 55.65 -9.05
C GLY D 291 -12.60 54.97 -7.70
N LEU D 292 -11.68 54.12 -7.27
CA LEU D 292 -11.81 53.48 -5.96
C LEU D 292 -11.07 54.21 -4.87
N SER D 293 -11.68 54.27 -3.69
CA SER D 293 -10.94 54.67 -2.53
C SER D 293 -10.00 53.53 -2.16
N PHE D 294 -9.03 53.86 -1.33
CA PHE D 294 -8.07 52.85 -0.88
C PHE D 294 -8.82 51.73 -0.12
N SER D 295 -9.82 52.14 0.66
CA SER D 295 -10.61 51.17 1.45
C SER D 295 -11.37 50.19 0.54
N GLN D 296 -11.92 50.71 -0.54
CA GLN D 296 -12.57 49.88 -1.52
C GLN D 296 -11.60 48.89 -2.23
N LEU D 297 -10.39 49.35 -2.50
CA LEU D 297 -9.35 48.53 -3.09
C LEU D 297 -9.04 47.32 -2.24
N VAL D 298 -8.76 47.57 -0.99
CA VAL D 298 -8.39 46.47 -0.10
C VAL D 298 -9.53 45.53 0.18
N ALA D 299 -10.74 46.03 0.26
CA ALA D 299 -11.90 45.16 0.47
C ALA D 299 -12.10 44.26 -0.75
N ARG D 300 -11.86 44.82 -1.94
CA ARG D 300 -11.92 44.03 -3.16
C ARG D 300 -10.87 42.94 -3.22
N ILE D 301 -9.65 43.27 -2.84
CA ILE D 301 -8.59 42.27 -2.87
C ILE D 301 -8.93 41.13 -1.92
N LEU D 302 -9.44 41.49 -0.75
CA LEU D 302 -9.78 40.48 0.27
C LEU D 302 -10.94 39.61 -0.20
N MET D 303 -11.90 40.21 -0.87
CA MET D 303 -13.01 39.45 -1.42
C MET D 303 -12.56 38.36 -2.39
N LEU D 304 -11.46 38.60 -3.09
CA LEU D 304 -10.96 37.69 -4.09
C LEU D 304 -10.20 36.53 -3.52
N ALA D 305 -10.05 36.53 -2.21
CA ALA D 305 -9.51 35.40 -1.50
C ALA D 305 -10.62 34.52 -0.95
N ASP D 306 -10.67 33.27 -1.37
CA ASP D 306 -11.70 32.34 -0.89
C ASP D 306 -11.10 30.95 -0.72
NA NA E . -12.02 -29.89 18.47
NA NA F . -4.20 -31.57 2.04
NA NA G . 13.32 -6.52 -1.72
NA NA H . 6.95 18.64 -8.13
NA NA I . 6.25 36.68 -6.70
#